data_2MNA
#
_entry.id   2MNA
#
loop_
_entity.id
_entity.type
_entity.pdbx_description
1 polymer ssDNA
2 polymer 'Single-stranded DNA binding protein (SSB)'
#
loop_
_entity_poly.entity_id
_entity_poly.type
_entity_poly.pdbx_seq_one_letter_code
_entity_poly.pdbx_strand_id
1 'polydeoxyribonucleotide' (DT)(DT)(DT)(DT)(DT)(DT) B
2 'polypeptide(L)'
;MEEKVGNLKPNMESVNVTVRVLEASEARQIQTKNGVRTISEAIVGDETGRVKLTLWGKHAGSIKEGQVVKIENAWTTAFK
GQVQLNAGSKTKIAEASEDGFPESSQIPENTPTARRR
;
A
#
loop_
_chem_comp.id
_chem_comp.type
_chem_comp.name
_chem_comp.formula
DT DNA linking THYMIDINE-5'-MONOPHOSPHATE 'C10 H15 N2 O8 P'
#
# COMPACT_ATOMS: atom_id res chain seq x y z
N MET B 1 7.39 10.25 11.51
CA MET B 1 6.92 8.93 11.98
C MET B 1 6.51 8.04 10.81
N GLU B 2 6.92 8.43 9.60
CA GLU B 2 6.58 7.68 8.41
C GLU B 2 7.84 7.17 7.71
N GLU B 3 7.85 5.88 7.41
CA GLU B 3 9.00 5.27 6.74
C GLU B 3 8.79 5.19 5.24
N LYS B 4 9.83 4.82 4.50
CA LYS B 4 9.77 4.71 3.05
C LYS B 4 9.53 3.26 2.63
N VAL B 5 9.32 3.06 1.33
CA VAL B 5 9.08 1.74 0.78
C VAL B 5 10.35 0.91 0.76
N GLY B 6 11.47 1.56 0.48
CA GLY B 6 12.76 0.87 0.43
C GLY B 6 13.31 0.57 1.81
N ASN B 7 12.55 0.90 2.84
CA ASN B 7 12.96 0.67 4.22
C ASN B 7 11.90 -0.08 5.01
N LEU B 8 10.79 -0.40 4.36
CA LEU B 8 9.70 -1.12 5.02
C LEU B 8 10.03 -2.60 5.15
N LYS B 9 9.38 -3.25 6.11
CA LYS B 9 9.58 -4.67 6.36
C LYS B 9 8.25 -5.34 6.66
N PRO B 10 8.12 -6.64 6.36
CA PRO B 10 6.89 -7.39 6.60
C PRO B 10 6.71 -7.78 8.06
N ASN B 11 5.49 -8.21 8.40
CA ASN B 11 5.16 -8.65 9.76
C ASN B 11 5.10 -7.48 10.73
N MET B 12 4.75 -6.30 10.22
CA MET B 12 4.64 -5.11 11.06
C MET B 12 3.19 -4.71 11.22
N GLU B 13 2.74 -4.58 12.46
CA GLU B 13 1.36 -4.21 12.75
C GLU B 13 1.20 -2.69 12.70
N SER B 14 2.18 -2.01 12.13
CA SER B 14 2.15 -0.56 12.02
C SER B 14 3.08 -0.09 10.91
N VAL B 15 2.51 0.52 9.87
CA VAL B 15 3.30 1.01 8.75
C VAL B 15 2.77 2.35 8.24
N ASN B 16 3.57 3.39 8.45
CA ASN B 16 3.21 4.74 8.00
C ASN B 16 4.09 5.13 6.81
N VAL B 17 3.47 5.55 5.72
CA VAL B 17 4.22 5.91 4.53
C VAL B 17 3.43 6.81 3.57
N THR B 18 4.15 7.62 2.80
CA THR B 18 3.55 8.51 1.82
C THR B 18 3.99 8.10 0.43
N VAL B 19 3.02 7.88 -0.47
CA VAL B 19 3.34 7.46 -1.84
C VAL B 19 2.34 7.99 -2.84
N ARG B 20 2.51 7.61 -4.10
CA ARG B 20 1.62 8.02 -5.16
C ARG B 20 0.96 6.80 -5.80
N VAL B 21 -0.24 6.98 -6.33
CA VAL B 21 -0.96 5.88 -6.96
C VAL B 21 -0.35 5.50 -8.30
N LEU B 22 -0.03 4.23 -8.47
CA LEU B 22 0.55 3.74 -9.70
C LEU B 22 -0.49 2.95 -10.49
N GLU B 23 -1.50 2.46 -9.78
CA GLU B 23 -2.57 1.68 -10.40
C GLU B 23 -3.77 1.60 -9.45
N ALA B 24 -4.90 1.15 -9.98
CA ALA B 24 -6.11 1.03 -9.17
C ALA B 24 -7.14 0.14 -9.85
N SER B 25 -7.63 -0.87 -9.11
CA SER B 25 -8.62 -1.80 -9.65
C SER B 25 -9.95 -1.63 -8.91
N GLU B 26 -11.04 -1.95 -9.59
CA GLU B 26 -12.37 -1.83 -8.99
C GLU B 26 -12.54 -2.82 -7.84
N ALA B 27 -13.39 -2.45 -6.91
CA ALA B 27 -13.59 -3.24 -5.71
C ALA B 27 -14.42 -4.50 -5.97
N ARG B 28 -13.86 -5.64 -5.52
CA ARG B 28 -14.47 -6.96 -5.71
C ARG B 28 -14.54 -7.75 -4.39
N GLN B 29 -15.43 -8.74 -4.36
CA GLN B 29 -15.63 -9.59 -3.19
C GLN B 29 -14.69 -10.79 -3.20
N ILE B 30 -14.18 -11.15 -2.03
CA ILE B 30 -13.30 -12.29 -1.90
C ILE B 30 -13.88 -13.27 -0.88
N GLN B 31 -13.43 -14.51 -0.92
CA GLN B 31 -13.89 -15.54 0.00
C GLN B 31 -12.78 -15.95 0.95
N THR B 32 -12.95 -15.63 2.23
CA THR B 32 -11.96 -15.97 3.24
C THR B 32 -12.47 -17.06 4.17
N LYS B 33 -11.70 -17.35 5.21
CA LYS B 33 -12.05 -18.37 6.18
C LYS B 33 -13.01 -17.78 7.23
N ASN B 34 -13.19 -16.47 7.18
CA ASN B 34 -14.07 -15.78 8.13
C ASN B 34 -15.33 -15.29 7.44
N GLY B 35 -15.50 -15.66 6.17
CA GLY B 35 -16.67 -15.24 5.42
C GLY B 35 -16.32 -14.48 4.17
N VAL B 36 -17.19 -13.56 3.76
CA VAL B 36 -16.94 -12.77 2.56
C VAL B 36 -16.78 -11.28 2.88
N ARG B 37 -15.79 -10.69 2.22
CA ARG B 37 -15.42 -9.30 2.37
C ARG B 37 -15.21 -8.65 1.02
N THR B 38 -15.08 -7.33 1.02
CA THR B 38 -14.95 -6.59 -0.23
C THR B 38 -13.65 -5.85 -0.25
N ILE B 39 -12.72 -6.33 -1.04
CA ILE B 39 -11.43 -5.71 -1.12
C ILE B 39 -11.00 -5.46 -2.55
N SER B 40 -9.91 -4.75 -2.69
CA SER B 40 -9.37 -4.43 -3.98
C SER B 40 -7.87 -4.28 -3.90
N GLU B 41 -7.23 -4.23 -5.04
CA GLU B 41 -5.80 -4.10 -5.09
C GLU B 41 -5.40 -2.91 -5.95
N ALA B 42 -4.44 -2.14 -5.47
CA ALA B 42 -3.97 -0.94 -6.17
C ALA B 42 -2.46 -0.78 -5.98
N ILE B 43 -1.76 -0.52 -7.07
CA ILE B 43 -0.31 -0.34 -7.01
C ILE B 43 0.08 1.09 -6.65
N VAL B 44 0.95 1.21 -5.68
CA VAL B 44 1.53 2.47 -5.21
C VAL B 44 3.02 2.32 -5.10
N GLY B 45 3.64 3.43 -4.95
CA GLY B 45 5.05 3.47 -4.63
C GLY B 45 5.62 4.88 -4.63
N ASP B 46 6.86 5.01 -4.16
CA ASP B 46 7.53 6.30 -4.11
C ASP B 46 8.89 6.23 -4.79
N GLU B 47 9.73 7.22 -4.52
CA GLU B 47 11.06 7.28 -5.12
C GLU B 47 12.02 6.30 -4.43
N THR B 48 11.50 5.56 -3.46
CA THR B 48 12.32 4.60 -2.73
C THR B 48 12.00 3.16 -3.12
N GLY B 49 11.09 2.99 -4.08
CA GLY B 49 10.73 1.66 -4.53
C GLY B 49 9.26 1.55 -4.90
N ARG B 50 8.70 0.36 -4.70
CA ARG B 50 7.33 0.09 -5.02
C ARG B 50 6.83 -1.09 -4.20
N VAL B 51 5.57 -0.99 -3.80
CA VAL B 51 4.92 -2.01 -3.01
C VAL B 51 3.43 -2.10 -3.33
N LYS B 52 2.93 -3.32 -3.52
CA LYS B 52 1.52 -3.55 -3.83
C LYS B 52 0.62 -3.20 -2.62
N LEU B 53 -0.42 -2.40 -2.88
CA LEU B 53 -1.36 -1.99 -1.83
C LEU B 53 -2.66 -2.79 -1.92
N THR B 54 -3.14 -3.19 -0.75
CA THR B 54 -4.37 -3.97 -0.62
C THR B 54 -5.36 -3.30 0.32
N LEU B 55 -6.40 -2.76 -0.24
CA LEU B 55 -7.44 -2.09 0.53
C LEU B 55 -8.41 -3.11 1.10
N TRP B 56 -9.04 -2.78 2.22
CA TRP B 56 -9.94 -3.72 2.86
C TRP B 56 -11.32 -3.13 3.21
N GLY B 57 -12.35 -3.79 2.68
CA GLY B 57 -13.75 -3.43 2.89
C GLY B 57 -14.17 -2.14 2.19
N LYS B 58 -14.22 -1.02 2.93
CA LYS B 58 -14.64 0.26 2.35
C LYS B 58 -13.51 0.96 1.59
N HIS B 59 -12.26 0.65 1.95
CA HIS B 59 -11.10 1.22 1.28
C HIS B 59 -10.98 0.64 -0.13
N ALA B 60 -11.59 -0.52 -0.34
CA ALA B 60 -11.56 -1.19 -1.62
C ALA B 60 -12.11 -0.31 -2.74
N GLY B 61 -11.29 -0.08 -3.76
CA GLY B 61 -11.71 0.74 -4.88
C GLY B 61 -12.12 2.15 -4.48
N SER B 62 -11.91 2.48 -3.22
CA SER B 62 -12.27 3.81 -2.71
C SER B 62 -11.17 4.83 -3.00
N ILE B 63 -9.96 4.34 -3.27
CA ILE B 63 -8.84 5.22 -3.55
C ILE B 63 -8.93 5.82 -4.95
N LYS B 64 -8.05 6.76 -5.23
CA LYS B 64 -8.00 7.45 -6.51
C LYS B 64 -6.87 6.92 -7.39
N GLU B 65 -6.66 7.58 -8.51
CA GLU B 65 -5.61 7.22 -9.46
C GLU B 65 -4.35 7.98 -9.11
N GLY B 66 -3.32 7.88 -9.94
CA GLY B 66 -2.05 8.53 -9.64
C GLY B 66 -2.19 9.91 -9.03
N GLN B 67 -2.36 9.91 -7.71
CA GLN B 67 -2.49 11.14 -6.92
C GLN B 67 -1.67 10.98 -5.65
N VAL B 68 -1.33 12.10 -5.00
CA VAL B 68 -0.54 12.05 -3.78
C VAL B 68 -1.39 11.65 -2.57
N VAL B 69 -1.10 10.47 -2.02
CA VAL B 69 -1.83 9.98 -0.85
C VAL B 69 -0.89 9.79 0.33
N LYS B 70 -1.45 9.39 1.46
CA LYS B 70 -0.66 9.16 2.65
C LYS B 70 -1.16 7.93 3.39
N ILE B 71 -0.37 6.86 3.34
CA ILE B 71 -0.72 5.62 4.01
C ILE B 71 -0.46 5.73 5.50
N GLU B 72 -1.34 5.13 6.29
CA GLU B 72 -1.22 5.17 7.73
C GLU B 72 -0.97 3.79 8.28
N ASN B 73 -0.90 3.72 9.59
CA ASN B 73 -0.67 2.49 10.32
C ASN B 73 -1.61 1.37 9.87
N ALA B 74 -1.06 0.48 9.08
CA ALA B 74 -1.79 -0.67 8.61
C ALA B 74 -1.06 -1.94 9.01
N TRP B 75 -0.33 -2.51 8.05
CA TRP B 75 0.43 -3.72 8.28
C TRP B 75 1.06 -4.22 7.01
N THR B 76 1.91 -5.21 7.15
CA THR B 76 2.60 -5.80 6.03
C THR B 76 2.58 -7.31 6.17
N THR B 77 2.27 -7.97 5.07
CA THR B 77 2.22 -9.41 5.05
C THR B 77 3.01 -9.91 3.84
N ALA B 78 3.90 -10.87 4.07
CA ALA B 78 4.73 -11.37 2.99
C ALA B 78 4.05 -12.50 2.22
N PHE B 79 3.61 -12.18 1.00
CA PHE B 79 2.98 -13.15 0.15
C PHE B 79 3.96 -13.69 -0.87
N LYS B 80 4.16 -15.00 -0.86
CA LYS B 80 5.06 -15.69 -1.80
C LYS B 80 6.52 -15.24 -1.62
N GLY B 81 6.84 -14.66 -0.47
CA GLY B 81 8.21 -14.23 -0.22
C GLY B 81 8.41 -12.74 -0.41
N GLN B 82 7.44 -12.07 -1.03
CA GLN B 82 7.54 -10.63 -1.25
C GLN B 82 6.67 -9.90 -0.23
N VAL B 83 7.15 -8.77 0.27
CA VAL B 83 6.39 -8.01 1.25
C VAL B 83 5.19 -7.33 0.57
N GLN B 84 4.14 -7.09 1.34
CA GLN B 84 2.95 -6.44 0.80
C GLN B 84 2.33 -5.53 1.84
N LEU B 85 1.60 -4.52 1.37
CA LEU B 85 0.97 -3.55 2.25
C LEU B 85 -0.54 -3.57 2.08
N ASN B 86 -1.26 -3.26 3.15
CA ASN B 86 -2.73 -3.25 3.11
C ASN B 86 -3.27 -2.04 3.81
N ALA B 87 -4.57 -1.85 3.73
CA ALA B 87 -5.19 -0.76 4.43
C ALA B 87 -6.52 -1.18 5.03
N GLY B 88 -6.61 -1.12 6.35
CA GLY B 88 -7.83 -1.48 7.03
C GLY B 88 -8.41 -0.39 7.90
N SER B 89 -8.69 -0.74 9.16
CA SER B 89 -9.31 0.19 10.11
C SER B 89 -8.34 1.20 10.75
N LYS B 90 -7.25 0.74 11.41
CA LYS B 90 -6.31 1.69 12.05
C LYS B 90 -5.57 2.49 11.00
N THR B 91 -5.85 2.19 9.75
CA THR B 91 -5.25 2.86 8.62
C THR B 91 -6.19 3.93 8.10
N LYS B 92 -5.70 5.14 7.94
CA LYS B 92 -6.51 6.23 7.42
C LYS B 92 -5.86 6.81 6.18
N ILE B 93 -6.46 6.58 5.01
CA ILE B 93 -5.87 7.08 3.77
C ILE B 93 -6.47 8.43 3.39
N ALA B 94 -5.63 9.31 2.85
CA ALA B 94 -6.08 10.63 2.44
C ALA B 94 -5.06 11.30 1.53
N GLU B 95 -5.55 12.19 0.65
CA GLU B 95 -4.68 12.90 -0.27
C GLU B 95 -3.76 13.87 0.47
N ALA B 96 -2.48 13.85 0.10
CA ALA B 96 -1.50 14.72 0.73
C ALA B 96 -0.79 15.60 -0.30
N SER B 97 -0.59 16.86 0.04
CA SER B 97 0.08 17.80 -0.85
C SER B 97 1.46 18.17 -0.32
N GLU B 98 2.49 17.97 -1.15
CA GLU B 98 3.85 18.28 -0.77
C GLU B 98 4.53 19.16 -1.83
N ASP B 99 5.85 19.08 -1.91
CA ASP B 99 6.61 19.86 -2.87
C ASP B 99 6.60 19.20 -4.25
N GLY B 100 5.68 18.26 -4.44
CA GLY B 100 5.58 17.57 -5.71
C GLY B 100 6.17 16.17 -5.66
N PHE B 101 5.37 15.21 -5.19
CA PHE B 101 5.83 13.82 -5.09
C PHE B 101 6.19 13.28 -6.48
N PRO B 102 7.20 12.39 -6.55
CA PRO B 102 7.64 11.80 -7.82
C PRO B 102 6.50 11.20 -8.61
N GLU B 103 6.57 11.32 -9.93
CA GLU B 103 5.53 10.79 -10.82
C GLU B 103 5.61 9.28 -10.90
N SER B 104 4.51 8.66 -11.33
CA SER B 104 4.46 7.20 -11.46
C SER B 104 5.44 6.71 -12.52
N SER B 105 5.73 7.56 -13.49
CA SER B 105 6.66 7.21 -14.56
C SER B 105 8.10 7.38 -14.13
N GLN B 106 8.29 7.92 -12.92
CA GLN B 106 9.63 8.15 -12.38
C GLN B 106 9.78 7.45 -11.03
N ILE B 107 8.81 6.62 -10.68
CA ILE B 107 8.83 5.90 -9.42
C ILE B 107 9.43 4.50 -9.60
N PRO B 108 10.53 4.19 -8.86
CA PRO B 108 11.17 2.87 -8.95
C PRO B 108 10.19 1.72 -8.72
N GLU B 109 10.62 0.52 -9.09
CA GLU B 109 9.78 -0.67 -8.94
C GLU B 109 10.43 -1.69 -8.02
N ASN B 110 11.49 -1.28 -7.34
CA ASN B 110 12.22 -2.16 -6.43
C ASN B 110 11.27 -2.75 -5.38
N THR B 111 11.24 -4.08 -5.33
CA THR B 111 10.38 -4.78 -4.37
C THR B 111 11.10 -5.01 -3.04
N PRO B 112 10.65 -4.35 -1.96
CA PRO B 112 11.26 -4.50 -0.63
C PRO B 112 11.29 -5.95 -0.16
N THR B 113 12.40 -6.34 0.45
CA THR B 113 12.56 -7.71 0.95
C THR B 113 13.51 -7.75 2.14
N ALA B 114 13.04 -8.30 3.26
CA ALA B 114 13.86 -8.39 4.46
C ALA B 114 15.05 -9.32 4.24
N ARG B 115 16.03 -9.24 5.15
CA ARG B 115 17.23 -10.06 5.05
C ARG B 115 17.01 -11.40 5.74
N ARG B 116 17.53 -12.46 5.13
CA ARG B 116 17.39 -13.82 5.67
C ARG B 116 18.75 -14.36 6.11
N ARG B 117 18.74 -15.21 7.13
CA ARG B 117 19.97 -15.80 7.65
C ARG B 117 20.43 -16.96 6.76
N MET B 1 7.20 10.16 11.82
CA MET B 1 6.75 8.81 12.27
C MET B 1 6.34 7.95 11.09
N GLU B 2 6.75 8.36 9.90
CA GLU B 2 6.43 7.62 8.68
C GLU B 2 7.69 7.12 7.99
N GLU B 3 7.73 5.83 7.68
CA GLU B 3 8.89 5.24 7.01
C GLU B 3 8.68 5.19 5.50
N LYS B 4 9.74 4.83 4.77
CA LYS B 4 9.68 4.73 3.32
C LYS B 4 9.45 3.29 2.88
N VAL B 5 9.26 3.11 1.57
CA VAL B 5 9.03 1.79 1.01
C VAL B 5 10.32 0.96 0.98
N GLY B 6 11.44 1.63 0.72
CA GLY B 6 12.71 0.95 0.68
C GLY B 6 13.27 0.64 2.06
N ASN B 7 12.49 0.96 3.09
CA ASN B 7 12.91 0.71 4.46
C ASN B 7 11.84 -0.06 5.23
N LEU B 8 10.73 -0.38 4.57
CA LEU B 8 9.65 -1.11 5.21
C LEU B 8 9.99 -2.60 5.34
N LYS B 9 9.34 -3.25 6.28
CA LYS B 9 9.55 -4.68 6.51
C LYS B 9 8.22 -5.38 6.80
N PRO B 10 8.10 -6.68 6.48
CA PRO B 10 6.88 -7.43 6.70
C PRO B 10 6.69 -7.84 8.16
N ASN B 11 5.47 -8.28 8.50
CA ASN B 11 5.14 -8.74 9.84
C ASN B 11 5.07 -7.58 10.83
N MET B 12 4.71 -6.40 10.33
CA MET B 12 4.59 -5.22 11.18
C MET B 12 3.12 -4.82 11.34
N GLU B 13 2.66 -4.72 12.58
CA GLU B 13 1.28 -4.36 12.85
C GLU B 13 1.11 -2.85 12.82
N SER B 14 2.09 -2.15 12.27
CA SER B 14 2.04 -0.70 12.17
C SER B 14 2.98 -0.21 11.08
N VAL B 15 2.42 0.40 10.04
CA VAL B 15 3.20 0.92 8.93
C VAL B 15 2.68 2.25 8.44
N ASN B 16 3.46 3.31 8.66
CA ASN B 16 3.09 4.65 8.22
C ASN B 16 3.97 5.06 7.04
N VAL B 17 3.35 5.50 5.96
CA VAL B 17 4.12 5.87 4.77
C VAL B 17 3.33 6.77 3.82
N THR B 18 4.05 7.60 3.07
CA THR B 18 3.44 8.50 2.09
C THR B 18 3.89 8.10 0.69
N VAL B 19 2.94 7.88 -0.21
CA VAL B 19 3.27 7.48 -1.58
C VAL B 19 2.26 8.01 -2.59
N ARG B 20 2.45 7.65 -3.84
CA ARG B 20 1.56 8.07 -4.92
C ARG B 20 0.92 6.85 -5.57
N VAL B 21 -0.29 7.02 -6.11
CA VAL B 21 -0.99 5.93 -6.75
C VAL B 21 -0.36 5.58 -8.10
N LEU B 22 -0.04 4.31 -8.27
CA LEU B 22 0.56 3.83 -9.51
C LEU B 22 -0.47 3.04 -10.32
N GLU B 23 -1.48 2.54 -9.62
CA GLU B 23 -2.55 1.77 -10.25
C GLU B 23 -3.75 1.65 -9.32
N ALA B 24 -4.87 1.20 -9.85
CA ALA B 24 -6.09 1.06 -9.05
C ALA B 24 -7.11 0.17 -9.75
N SER B 25 -7.58 -0.85 -9.03
CA SER B 25 -8.56 -1.78 -9.57
C SER B 25 -9.89 -1.63 -8.84
N GLU B 26 -10.99 -1.95 -9.54
CA GLU B 26 -12.32 -1.85 -8.95
C GLU B 26 -12.49 -2.86 -7.81
N ALA B 27 -13.36 -2.52 -6.89
CA ALA B 27 -13.58 -3.32 -5.70
C ALA B 27 -14.41 -4.58 -5.98
N ARG B 28 -13.85 -5.73 -5.60
CA ARG B 28 -14.45 -7.05 -5.83
C ARG B 28 -14.52 -7.86 -4.52
N GLN B 29 -15.39 -8.86 -4.51
CA GLN B 29 -15.59 -9.73 -3.35
C GLN B 29 -14.65 -10.93 -3.37
N ILE B 30 -14.13 -11.30 -2.20
CA ILE B 30 -13.26 -12.45 -2.08
C ILE B 30 -13.82 -13.41 -1.04
N GLN B 31 -13.38 -14.66 -1.08
CA GLN B 31 -13.85 -15.68 -0.15
C GLN B 31 -12.74 -16.11 0.80
N THR B 32 -12.92 -15.82 2.09
CA THR B 32 -11.93 -16.18 3.11
C THR B 32 -12.45 -17.27 4.03
N LYS B 33 -11.67 -17.56 5.07
CA LYS B 33 -12.05 -18.56 6.05
C LYS B 33 -13.01 -17.98 7.09
N ASN B 34 -13.19 -16.66 7.03
CA ASN B 34 -14.08 -15.98 7.97
C ASN B 34 -15.34 -15.48 7.27
N GLY B 35 -15.50 -15.86 6.01
CA GLY B 35 -16.65 -15.45 5.25
C GLY B 35 -16.29 -14.68 4.01
N VAL B 36 -17.18 -13.80 3.57
CA VAL B 36 -16.92 -13.00 2.38
C VAL B 36 -16.74 -11.52 2.71
N ARG B 37 -15.74 -10.91 2.07
CA ARG B 37 -15.38 -9.52 2.25
C ARG B 37 -15.17 -8.85 0.90
N THR B 38 -15.07 -7.54 0.91
CA THR B 38 -14.93 -6.78 -0.32
C THR B 38 -13.65 -6.01 -0.33
N ILE B 39 -12.72 -6.46 -1.14
CA ILE B 39 -11.44 -5.82 -1.21
C ILE B 39 -11.02 -5.53 -2.63
N SER B 40 -9.88 -4.88 -2.74
CA SER B 40 -9.34 -4.53 -4.04
C SER B 40 -7.84 -4.38 -3.94
N GLU B 41 -7.19 -4.32 -5.09
CA GLU B 41 -5.76 -4.18 -5.12
C GLU B 41 -5.36 -2.96 -5.94
N ALA B 42 -4.42 -2.20 -5.43
CA ALA B 42 -3.95 -0.98 -6.09
C ALA B 42 -2.46 -0.80 -5.89
N ILE B 43 -1.74 -0.57 -6.97
CA ILE B 43 -0.29 -0.37 -6.91
C ILE B 43 0.07 1.07 -6.53
N VAL B 44 0.96 1.19 -5.55
CA VAL B 44 1.50 2.47 -5.06
C VAL B 44 2.98 2.35 -4.88
N GLY B 45 3.60 3.48 -4.73
CA GLY B 45 5.01 3.53 -4.39
C GLY B 45 5.56 4.94 -4.38
N ASP B 46 6.79 5.07 -3.90
CA ASP B 46 7.46 6.37 -3.83
C ASP B 46 8.82 6.33 -4.49
N GLU B 47 9.66 7.33 -4.22
CA GLU B 47 10.99 7.40 -4.80
C GLU B 47 11.95 6.42 -4.12
N THR B 48 11.43 5.66 -3.16
CA THR B 48 12.26 4.69 -2.43
C THR B 48 11.95 3.26 -2.86
N GLY B 49 11.05 3.10 -3.82
CA GLY B 49 10.70 1.77 -4.29
C GLY B 49 9.24 1.64 -4.68
N ARG B 50 8.69 0.45 -4.49
CA ARG B 50 7.33 0.17 -4.82
C ARG B 50 6.82 -1.01 -4.02
N VAL B 51 5.56 -0.94 -3.64
CA VAL B 51 4.92 -1.97 -2.85
C VAL B 51 3.43 -2.07 -3.19
N LYS B 52 2.95 -3.30 -3.40
CA LYS B 52 1.53 -3.55 -3.72
C LYS B 52 0.63 -3.21 -2.52
N LEU B 53 -0.43 -2.43 -2.78
CA LEU B 53 -1.38 -2.04 -1.73
C LEU B 53 -2.69 -2.84 -1.83
N THR B 54 -3.17 -3.28 -0.69
CA THR B 54 -4.40 -4.06 -0.60
C THR B 54 -5.37 -3.43 0.37
N LEU B 55 -6.42 -2.87 -0.17
CA LEU B 55 -7.45 -2.23 0.61
C LEU B 55 -8.41 -3.27 1.16
N TRP B 56 -9.12 -2.94 2.24
CA TRP B 56 -10.02 -3.89 2.87
C TRP B 56 -11.41 -3.30 3.16
N GLY B 57 -12.43 -3.98 2.64
CA GLY B 57 -13.82 -3.62 2.83
C GLY B 57 -14.22 -2.30 2.17
N LYS B 58 -14.28 -1.22 2.95
CA LYS B 58 -14.68 0.09 2.41
C LYS B 58 -13.54 0.80 1.68
N HIS B 59 -12.30 0.47 2.03
CA HIS B 59 -11.13 1.05 1.37
C HIS B 59 -11.00 0.49 -0.03
N ALA B 60 -11.60 -0.68 -0.26
CA ALA B 60 -11.55 -1.34 -1.56
C ALA B 60 -12.10 -0.44 -2.67
N GLY B 61 -11.27 -0.20 -3.68
CA GLY B 61 -11.68 0.63 -4.80
C GLY B 61 -12.13 2.02 -4.38
N SER B 62 -11.92 2.36 -3.11
CA SER B 62 -12.30 3.67 -2.59
C SER B 62 -11.21 4.70 -2.86
N ILE B 63 -10.00 4.24 -3.14
CA ILE B 63 -8.88 5.13 -3.40
C ILE B 63 -8.97 5.74 -4.80
N LYS B 64 -8.09 6.70 -5.04
CA LYS B 64 -8.05 7.40 -6.32
C LYS B 64 -6.91 6.89 -7.20
N GLU B 65 -6.70 7.58 -8.31
CA GLU B 65 -5.65 7.23 -9.27
C GLU B 65 -4.39 8.00 -8.88
N GLY B 66 -3.35 7.93 -9.72
CA GLY B 66 -2.08 8.58 -9.40
C GLY B 66 -2.24 9.96 -8.78
N GLN B 67 -2.43 9.95 -7.46
CA GLN B 67 -2.58 11.15 -6.66
C GLN B 67 -1.76 11.00 -5.38
N VAL B 68 -1.45 12.12 -4.72
CA VAL B 68 -0.66 12.05 -3.49
C VAL B 68 -1.52 11.63 -2.30
N VAL B 69 -1.22 10.45 -1.75
CA VAL B 69 -1.95 9.93 -0.60
C VAL B 69 -1.02 9.75 0.59
N LYS B 70 -1.58 9.33 1.71
CA LYS B 70 -0.80 9.09 2.92
C LYS B 70 -1.29 7.85 3.63
N ILE B 71 -0.48 6.79 3.58
CA ILE B 71 -0.83 5.54 4.22
C ILE B 71 -0.58 5.64 5.72
N GLU B 72 -1.46 5.02 6.49
CA GLU B 72 -1.35 5.05 7.94
C GLU B 72 -1.09 3.65 8.48
N ASN B 73 -1.03 3.58 9.79
CA ASN B 73 -0.79 2.34 10.51
C ASN B 73 -1.72 1.22 10.04
N ALA B 74 -1.14 0.33 9.24
CA ALA B 74 -1.84 -0.82 8.75
C ALA B 74 -1.10 -2.08 9.13
N TRP B 75 -0.36 -2.63 8.18
CA TRP B 75 0.44 -3.84 8.39
C TRP B 75 1.07 -4.30 7.11
N THR B 76 1.94 -5.28 7.25
CA THR B 76 2.63 -5.84 6.12
C THR B 76 2.63 -7.35 6.21
N THR B 77 2.32 -7.98 5.10
CA THR B 77 2.28 -9.43 5.05
C THR B 77 3.08 -9.90 3.83
N ALA B 78 3.98 -10.86 4.05
CA ALA B 78 4.82 -11.34 2.96
C ALA B 78 4.16 -12.47 2.17
N PHE B 79 3.71 -12.15 0.96
CA PHE B 79 3.09 -13.11 0.09
C PHE B 79 4.08 -13.62 -0.94
N LYS B 80 4.28 -14.94 -0.95
CA LYS B 80 5.19 -15.59 -1.90
C LYS B 80 6.65 -15.13 -1.71
N GLY B 81 6.94 -14.56 -0.54
CA GLY B 81 8.30 -14.11 -0.26
C GLY B 81 8.50 -12.62 -0.44
N GLN B 82 7.53 -11.96 -1.05
CA GLN B 82 7.61 -10.52 -1.24
C GLN B 82 6.73 -9.81 -0.23
N VAL B 83 7.23 -8.71 0.32
CA VAL B 83 6.46 -7.96 1.32
C VAL B 83 5.28 -7.25 0.64
N GLN B 84 4.22 -7.01 1.40
CA GLN B 84 3.03 -6.36 0.86
C GLN B 84 2.41 -5.44 1.90
N LEU B 85 1.56 -4.52 1.44
CA LEU B 85 0.92 -3.56 2.33
C LEU B 85 -0.60 -3.61 2.17
N ASN B 86 -1.32 -3.30 3.24
CA ASN B 86 -2.79 -3.31 3.22
C ASN B 86 -3.34 -2.12 3.93
N ALA B 87 -4.64 -1.93 3.84
CA ALA B 87 -5.27 -0.86 4.58
C ALA B 87 -6.61 -1.32 5.14
N GLY B 88 -6.71 -1.32 6.46
CA GLY B 88 -7.94 -1.70 7.12
C GLY B 88 -8.52 -0.61 8.00
N SER B 89 -8.79 -0.96 9.26
CA SER B 89 -9.41 -0.03 10.20
C SER B 89 -8.45 1.00 10.83
N LYS B 90 -7.37 0.55 11.51
CA LYS B 90 -6.44 1.51 12.15
C LYS B 90 -5.69 2.32 11.11
N THR B 91 -5.97 2.03 9.85
CA THR B 91 -5.36 2.70 8.74
C THR B 91 -6.30 3.76 8.20
N LYS B 92 -5.84 5.00 8.14
CA LYS B 92 -6.66 6.09 7.60
C LYS B 92 -5.99 6.67 6.37
N ILE B 93 -6.58 6.45 5.19
CA ILE B 93 -5.99 6.96 3.97
C ILE B 93 -6.60 8.31 3.59
N ALA B 94 -5.76 9.20 3.06
CA ALA B 94 -6.22 10.52 2.67
C ALA B 94 -5.20 11.22 1.77
N GLU B 95 -5.69 12.10 0.90
CA GLU B 95 -4.83 12.83 -0.01
C GLU B 95 -3.92 13.79 0.75
N ALA B 96 -2.64 13.80 0.39
CA ALA B 96 -1.67 14.67 1.04
C ALA B 96 -0.96 15.56 0.02
N SER B 97 -0.78 16.83 0.38
CA SER B 97 -0.11 17.78 -0.50
C SER B 97 1.27 18.15 0.04
N GLU B 98 2.29 17.98 -0.79
CA GLU B 98 3.66 18.29 -0.39
C GLU B 98 4.33 19.18 -1.44
N ASP B 99 5.66 19.13 -1.50
CA ASP B 99 6.41 19.93 -2.46
C ASP B 99 6.41 19.28 -3.84
N GLY B 100 5.51 18.33 -4.05
CA GLY B 100 5.42 17.64 -5.33
C GLY B 100 6.02 16.26 -5.28
N PHE B 101 5.24 15.29 -4.83
CA PHE B 101 5.70 13.90 -4.76
C PHE B 101 6.07 13.38 -6.14
N PRO B 102 7.10 12.50 -6.21
CA PRO B 102 7.55 11.93 -7.49
C PRO B 102 6.41 11.33 -8.30
N GLU B 103 6.50 11.47 -9.62
CA GLU B 103 5.47 10.94 -10.51
C GLU B 103 5.56 9.42 -10.61
N SER B 104 4.48 8.80 -11.05
CA SER B 104 4.43 7.34 -11.20
C SER B 104 5.43 6.86 -12.26
N SER B 105 5.72 7.73 -13.22
CA SER B 105 6.65 7.39 -14.29
C SER B 105 8.10 7.58 -13.84
N GLN B 106 8.26 8.11 -12.62
CA GLN B 106 9.59 8.35 -12.08
C GLN B 106 9.75 7.64 -10.73
N ILE B 107 8.79 6.79 -10.40
CA ILE B 107 8.81 6.05 -9.14
C ILE B 107 9.42 4.66 -9.33
N PRO B 108 10.51 4.35 -8.60
CA PRO B 108 11.17 3.05 -8.69
C PRO B 108 10.20 1.88 -8.48
N GLU B 109 10.64 0.69 -8.86
CA GLU B 109 9.81 -0.50 -8.73
C GLU B 109 10.47 -1.53 -7.82
N ASN B 110 11.53 -1.11 -7.13
CA ASN B 110 12.24 -2.01 -6.22
C ASN B 110 11.30 -2.62 -5.19
N THR B 111 11.27 -3.94 -5.14
CA THR B 111 10.42 -4.66 -4.20
C THR B 111 11.14 -4.90 -2.88
N PRO B 112 10.67 -4.26 -1.79
CA PRO B 112 11.27 -4.42 -0.46
C PRO B 112 11.31 -5.87 0.00
N THR B 113 12.42 -6.27 0.62
CA THR B 113 12.59 -7.63 1.11
C THR B 113 13.54 -7.67 2.30
N ALA B 114 13.07 -8.24 3.40
CA ALA B 114 13.87 -8.34 4.61
C ALA B 114 15.07 -9.25 4.40
N ARG B 115 16.05 -9.17 5.31
CA ARG B 115 17.25 -9.99 5.22
C ARG B 115 17.04 -11.35 5.88
N ARG B 116 17.57 -12.39 5.26
CA ARG B 116 17.45 -13.75 5.79
C ARG B 116 18.81 -14.28 6.23
N ARG B 117 18.80 -15.14 7.24
CA ARG B 117 20.03 -15.74 7.76
C ARG B 117 20.50 -16.88 6.87
N MET B 1 7.22 10.68 11.23
CA MET B 1 6.71 9.39 11.74
C MET B 1 6.31 8.45 10.60
N GLU B 2 6.78 8.78 9.40
CA GLU B 2 6.47 7.97 8.21
C GLU B 2 7.73 7.39 7.60
N GLU B 3 7.73 6.09 7.36
CA GLU B 3 8.88 5.42 6.77
C GLU B 3 8.72 5.28 5.26
N LYS B 4 9.79 4.84 4.60
CA LYS B 4 9.77 4.66 3.15
C LYS B 4 9.51 3.20 2.79
N VAL B 5 9.35 2.95 1.49
CA VAL B 5 9.09 1.59 1.00
C VAL B 5 10.35 0.73 1.07
N GLY B 6 11.49 1.35 0.80
CA GLY B 6 12.74 0.62 0.84
C GLY B 6 13.24 0.37 2.25
N ASN B 7 12.44 0.78 3.23
CA ASN B 7 12.81 0.60 4.64
C ASN B 7 11.70 -0.09 5.42
N LEU B 8 10.59 -0.41 4.74
CA LEU B 8 9.47 -1.06 5.39
C LEU B 8 9.74 -2.54 5.62
N LYS B 9 9.03 -3.12 6.58
CA LYS B 9 9.19 -4.54 6.89
C LYS B 9 7.83 -5.16 7.18
N PRO B 10 7.67 -6.47 6.93
CA PRO B 10 6.41 -7.16 7.15
C PRO B 10 6.16 -7.49 8.62
N ASN B 11 4.91 -7.86 8.93
CA ASN B 11 4.53 -8.23 10.30
C ASN B 11 4.45 -7.01 11.22
N MET B 12 4.17 -5.85 10.64
CA MET B 12 4.06 -4.61 11.41
C MET B 12 2.61 -4.16 11.50
N GLU B 13 2.12 -3.97 12.71
CA GLU B 13 0.74 -3.54 12.91
C GLU B 13 0.62 -2.03 12.79
N SER B 14 1.65 -1.40 12.23
CA SER B 14 1.67 0.04 12.04
C SER B 14 2.65 0.44 10.95
N VAL B 15 2.14 1.00 9.87
CA VAL B 15 2.98 1.42 8.76
C VAL B 15 2.52 2.75 8.17
N ASN B 16 3.33 3.78 8.35
CA ASN B 16 3.04 5.10 7.82
C ASN B 16 3.96 5.41 6.65
N VAL B 17 3.39 5.80 5.52
CA VAL B 17 4.21 6.08 4.35
C VAL B 17 3.48 6.95 3.32
N THR B 18 4.26 7.70 2.54
CA THR B 18 3.72 8.56 1.49
C THR B 18 4.20 8.07 0.13
N VAL B 19 3.27 7.83 -0.79
CA VAL B 19 3.62 7.33 -2.11
C VAL B 19 2.67 7.85 -3.19
N ARG B 20 2.88 7.38 -4.41
CA ARG B 20 2.05 7.77 -5.55
C ARG B 20 1.38 6.54 -6.14
N VAL B 21 0.21 6.72 -6.73
CA VAL B 21 -0.53 5.62 -7.33
C VAL B 21 0.13 5.17 -8.63
N LEU B 22 0.43 3.87 -8.72
CA LEU B 22 1.03 3.30 -9.90
C LEU B 22 0.01 2.51 -10.70
N GLU B 23 -1.04 2.08 -10.01
CA GLU B 23 -2.11 1.31 -10.62
C GLU B 23 -3.35 1.30 -9.73
N ALA B 24 -4.48 0.86 -10.28
CA ALA B 24 -5.72 0.80 -9.52
C ALA B 24 -6.75 -0.09 -10.19
N SER B 25 -7.28 -1.05 -9.43
CA SER B 25 -8.28 -1.97 -9.95
C SER B 25 -9.62 -1.73 -9.28
N GLU B 26 -10.71 -2.06 -9.99
CA GLU B 26 -12.06 -1.88 -9.46
C GLU B 26 -12.30 -2.80 -8.26
N ALA B 27 -13.20 -2.38 -7.41
CA ALA B 27 -13.48 -3.09 -6.18
C ALA B 27 -14.36 -4.31 -6.40
N ARG B 28 -13.86 -5.46 -5.90
CA ARG B 28 -14.51 -6.75 -6.06
C ARG B 28 -14.63 -7.49 -4.71
N GLN B 29 -15.51 -8.48 -4.66
CA GLN B 29 -15.75 -9.26 -3.45
C GLN B 29 -14.85 -10.49 -3.40
N ILE B 30 -14.38 -10.83 -2.20
CA ILE B 30 -13.54 -12.01 -2.02
C ILE B 30 -14.22 -12.95 -1.02
N GLN B 31 -13.80 -14.20 -0.98
CA GLN B 31 -14.37 -15.19 -0.08
C GLN B 31 -13.35 -15.65 0.95
N THR B 32 -13.61 -15.34 2.21
CA THR B 32 -12.71 -15.73 3.30
C THR B 32 -13.34 -16.74 4.24
N LYS B 33 -12.63 -17.04 5.31
CA LYS B 33 -13.11 -17.99 6.31
C LYS B 33 -14.04 -17.29 7.30
N ASN B 34 -14.08 -15.96 7.24
CA ASN B 34 -14.91 -15.18 8.14
C ASN B 34 -16.12 -14.59 7.40
N GLY B 35 -16.31 -15.02 6.16
CA GLY B 35 -17.42 -14.51 5.37
C GLY B 35 -16.97 -13.85 4.09
N VAL B 36 -17.73 -12.85 3.65
CA VAL B 36 -17.38 -12.14 2.42
C VAL B 36 -17.16 -10.64 2.67
N ARG B 37 -16.05 -10.16 2.13
CA ARG B 37 -15.65 -8.77 2.24
C ARG B 37 -15.37 -8.18 0.87
N THR B 38 -15.26 -6.86 0.79
CA THR B 38 -15.07 -6.21 -0.49
C THR B 38 -13.76 -5.49 -0.53
N ILE B 39 -12.86 -5.98 -1.33
CA ILE B 39 -11.55 -5.39 -1.41
C ILE B 39 -11.10 -5.19 -2.84
N SER B 40 -9.93 -4.62 -2.97
CA SER B 40 -9.35 -4.40 -4.27
C SER B 40 -7.85 -4.29 -4.16
N GLU B 41 -7.19 -4.31 -5.29
CA GLU B 41 -5.75 -4.24 -5.31
C GLU B 41 -5.31 -3.04 -6.16
N ALA B 42 -4.30 -2.33 -5.66
CA ALA B 42 -3.77 -1.15 -6.33
C ALA B 42 -2.27 -1.02 -6.09
N ILE B 43 -1.51 -0.80 -7.14
CA ILE B 43 -0.07 -0.67 -7.04
C ILE B 43 0.37 0.78 -6.73
N VAL B 44 1.23 0.91 -5.73
CA VAL B 44 1.82 2.17 -5.30
C VAL B 44 3.28 2.02 -5.10
N GLY B 45 3.90 3.15 -5.01
CA GLY B 45 5.30 3.17 -4.64
C GLY B 45 5.91 4.56 -4.68
N ASP B 46 7.14 4.68 -4.17
CA ASP B 46 7.84 5.96 -4.16
C ASP B 46 9.22 5.82 -4.77
N GLU B 47 10.08 6.80 -4.53
CA GLU B 47 11.43 6.79 -5.06
C GLU B 47 12.33 5.83 -4.29
N THR B 48 11.76 5.14 -3.30
CA THR B 48 12.52 4.19 -2.49
C THR B 48 12.18 2.75 -2.84
N GLY B 49 11.30 2.56 -3.82
CA GLY B 49 10.92 1.22 -4.22
C GLY B 49 9.47 1.12 -4.64
N ARG B 50 8.88 -0.04 -4.42
CA ARG B 50 7.51 -0.29 -4.79
C ARG B 50 6.94 -1.41 -3.92
N VAL B 51 5.67 -1.25 -3.60
CA VAL B 51 4.96 -2.21 -2.78
C VAL B 51 3.48 -2.27 -3.16
N LYS B 52 2.95 -3.49 -3.34
CA LYS B 52 1.55 -3.69 -3.68
C LYS B 52 0.62 -3.27 -2.54
N LEU B 53 -0.38 -2.44 -2.86
CA LEU B 53 -1.34 -1.95 -1.86
C LEU B 53 -2.66 -2.71 -1.96
N THR B 54 -3.19 -3.04 -0.79
CA THR B 54 -4.44 -3.77 -0.67
C THR B 54 -5.44 -3.02 0.19
N LEU B 55 -6.52 -2.61 -0.42
CA LEU B 55 -7.56 -1.88 0.28
C LEU B 55 -8.57 -2.85 0.86
N TRP B 56 -9.24 -2.47 1.96
CA TRP B 56 -10.19 -3.36 2.61
C TRP B 56 -11.54 -2.71 2.89
N GLY B 57 -12.59 -3.33 2.33
CA GLY B 57 -13.97 -2.89 2.48
C GLY B 57 -14.33 -1.64 1.70
N LYS B 58 -14.33 -0.48 2.34
CA LYS B 58 -14.69 0.78 1.67
C LYS B 58 -13.51 1.41 0.93
N HIS B 59 -12.30 1.09 1.35
CA HIS B 59 -11.08 1.59 0.69
C HIS B 59 -10.92 0.94 -0.67
N ALA B 60 -11.55 -0.21 -0.85
CA ALA B 60 -11.50 -0.95 -2.10
C ALA B 60 -11.98 -0.11 -3.28
N GLY B 61 -11.10 0.04 -4.27
CA GLY B 61 -11.46 0.81 -5.46
C GLY B 61 -11.85 2.25 -5.14
N SER B 62 -11.68 2.65 -3.89
CA SER B 62 -12.03 4.01 -3.46
C SER B 62 -10.89 4.98 -3.75
N ILE B 63 -9.70 4.46 -3.96
CA ILE B 63 -8.53 5.30 -4.23
C ILE B 63 -8.56 5.82 -5.67
N LYS B 64 -7.64 6.73 -5.95
CA LYS B 64 -7.53 7.35 -7.26
C LYS B 64 -6.37 6.75 -8.05
N GLU B 65 -6.10 7.36 -9.20
CA GLU B 65 -5.03 6.93 -10.10
C GLU B 65 -3.77 7.67 -9.72
N GLY B 66 -2.70 7.50 -10.51
CA GLY B 66 -1.42 8.13 -10.19
C GLY B 66 -1.55 9.55 -9.66
N GLN B 67 -1.78 9.62 -8.34
CA GLN B 67 -1.91 10.88 -7.63
C GLN B 67 -1.15 10.79 -6.31
N VAL B 68 -0.82 11.92 -5.71
CA VAL B 68 -0.07 11.92 -4.45
C VAL B 68 -0.99 11.59 -3.26
N VAL B 69 -0.75 10.45 -2.64
CA VAL B 69 -1.53 10.02 -1.48
C VAL B 69 -0.65 9.88 -0.26
N LYS B 70 -1.26 9.54 0.87
CA LYS B 70 -0.53 9.36 2.12
C LYS B 70 -1.09 8.18 2.89
N ILE B 71 -0.32 7.09 2.93
CA ILE B 71 -0.73 5.89 3.64
C ILE B 71 -0.52 6.08 5.13
N GLU B 72 -1.45 5.55 5.91
CA GLU B 72 -1.39 5.65 7.35
C GLU B 72 -1.20 4.29 7.97
N ASN B 73 -1.19 4.30 9.29
CA ASN B 73 -1.02 3.10 10.09
C ASN B 73 -1.96 1.98 9.66
N ALA B 74 -1.39 1.02 8.92
CA ALA B 74 -2.12 -0.15 8.49
C ALA B 74 -1.39 -1.39 8.96
N TRP B 75 -0.68 -2.05 8.05
CA TRP B 75 0.07 -3.25 8.39
C TRP B 75 0.71 -3.84 7.15
N THR B 76 1.54 -4.83 7.39
CA THR B 76 2.21 -5.50 6.30
C THR B 76 2.04 -6.99 6.43
N THR B 77 1.66 -7.61 5.33
CA THR B 77 1.46 -9.04 5.29
C THR B 77 2.33 -9.62 4.18
N ALA B 78 3.09 -10.66 4.49
CA ALA B 78 4.01 -11.25 3.52
C ALA B 78 3.39 -12.40 2.74
N PHE B 79 3.10 -12.14 1.46
CA PHE B 79 2.53 -13.14 0.59
C PHE B 79 3.61 -13.74 -0.31
N LYS B 80 3.72 -15.07 -0.27
CA LYS B 80 4.70 -15.81 -1.08
C LYS B 80 6.14 -15.40 -0.80
N GLY B 81 6.38 -14.75 0.36
CA GLY B 81 7.74 -14.36 0.71
C GLY B 81 8.03 -12.88 0.44
N GLN B 82 7.10 -12.21 -0.24
CA GLN B 82 7.27 -10.79 -0.52
C GLN B 82 6.38 -9.98 0.41
N VAL B 83 6.88 -8.85 0.88
CA VAL B 83 6.11 -8.01 1.77
C VAL B 83 5.02 -7.27 1.01
N GLN B 84 3.91 -6.98 1.69
CA GLN B 84 2.80 -6.30 1.05
C GLN B 84 2.14 -5.34 2.03
N LEU B 85 1.43 -4.36 1.50
CA LEU B 85 0.77 -3.35 2.32
C LEU B 85 -0.75 -3.37 2.12
N ASN B 86 -1.49 -3.02 3.17
CA ASN B 86 -2.95 -3.00 3.11
C ASN B 86 -3.49 -1.74 3.71
N ALA B 87 -4.79 -1.53 3.58
CA ALA B 87 -5.41 -0.40 4.23
C ALA B 87 -6.79 -0.75 4.76
N GLY B 88 -6.96 -0.64 6.08
CA GLY B 88 -8.22 -0.91 6.70
C GLY B 88 -8.79 0.24 7.49
N SER B 89 -9.12 -0.01 8.76
CA SER B 89 -9.73 1.01 9.62
C SER B 89 -8.75 2.03 10.24
N LYS B 90 -7.71 1.58 10.97
CA LYS B 90 -6.78 2.54 11.61
C LYS B 90 -5.97 3.27 10.54
N THR B 91 -6.17 2.86 9.30
CA THR B 91 -5.50 3.46 8.17
C THR B 91 -6.40 4.54 7.55
N LYS B 92 -5.87 5.73 7.37
CA LYS B 92 -6.64 6.82 6.76
C LYS B 92 -5.91 7.30 5.51
N ILE B 93 -6.49 7.06 4.34
CA ILE B 93 -5.83 7.48 3.10
C ILE B 93 -6.37 8.82 2.62
N ALA B 94 -5.48 9.66 2.09
CA ALA B 94 -5.88 10.97 1.59
C ALA B 94 -4.81 11.57 0.70
N GLU B 95 -5.23 12.42 -0.24
CA GLU B 95 -4.31 13.07 -1.17
C GLU B 95 -3.39 14.03 -0.42
N ALA B 96 -2.10 13.97 -0.74
CA ALA B 96 -1.11 14.85 -0.10
C ALA B 96 -0.34 15.65 -1.14
N SER B 97 -0.11 16.93 -0.85
CA SER B 97 0.62 17.80 -1.76
C SER B 97 1.99 18.15 -1.19
N GLU B 98 3.04 17.89 -1.96
CA GLU B 98 4.40 18.17 -1.54
C GLU B 98 5.14 18.98 -2.61
N ASP B 99 6.47 18.87 -2.62
CA ASP B 99 7.28 19.58 -3.59
C ASP B 99 7.32 18.86 -4.93
N GLY B 100 6.37 17.93 -5.12
CA GLY B 100 6.30 17.18 -6.36
C GLY B 100 6.85 15.78 -6.22
N PHE B 101 6.01 14.86 -5.73
CA PHE B 101 6.42 13.47 -5.56
C PHE B 101 6.83 12.85 -6.90
N PRO B 102 7.81 11.93 -6.88
CA PRO B 102 8.29 11.27 -8.10
C PRO B 102 7.15 10.66 -8.92
N GLU B 103 7.29 10.72 -10.24
CA GLU B 103 6.28 10.18 -11.14
C GLU B 103 6.31 8.65 -11.15
N SER B 104 5.22 8.05 -11.60
CA SER B 104 5.13 6.59 -11.66
C SER B 104 6.13 6.02 -12.66
N SER B 105 6.49 6.82 -13.66
CA SER B 105 7.45 6.38 -14.67
C SER B 105 8.88 6.54 -14.17
N GLN B 106 9.04 7.14 -12.99
CA GLN B 106 10.35 7.35 -12.40
C GLN B 106 10.42 6.72 -11.02
N ILE B 107 9.42 5.93 -10.67
CA ILE B 107 9.37 5.27 -9.38
C ILE B 107 9.93 3.84 -9.46
N PRO B 108 10.99 3.54 -8.67
CA PRO B 108 11.61 2.20 -8.66
C PRO B 108 10.58 1.09 -8.43
N GLU B 109 10.98 -0.14 -8.72
CA GLU B 109 10.10 -1.29 -8.56
C GLU B 109 10.68 -2.29 -7.56
N ASN B 110 11.73 -1.87 -6.86
CA ASN B 110 12.38 -2.72 -5.87
C ASN B 110 11.38 -3.24 -4.85
N THR B 111 11.30 -4.56 -4.73
CA THR B 111 10.39 -5.19 -3.78
C THR B 111 11.05 -5.38 -2.41
N PRO B 112 10.56 -4.67 -1.38
CA PRO B 112 11.12 -4.77 -0.02
C PRO B 112 11.09 -6.19 0.51
N THR B 113 12.16 -6.59 1.19
CA THR B 113 12.25 -7.93 1.76
C THR B 113 13.16 -7.93 2.99
N ALA B 114 12.62 -8.41 4.11
CA ALA B 114 13.38 -8.48 5.36
C ALA B 114 14.56 -9.44 5.23
N ARG B 115 15.49 -9.35 6.18
CA ARG B 115 16.67 -10.22 6.17
C ARG B 115 16.39 -11.52 6.91
N ARG B 116 16.90 -12.61 6.37
CA ARG B 116 16.70 -13.93 6.97
C ARG B 116 18.02 -14.49 7.49
N ARG B 117 17.94 -15.30 8.55
CA ARG B 117 19.13 -15.90 9.15
C ARG B 117 19.59 -17.11 8.34
N MET B 1 7.40 10.45 11.31
CA MET B 1 6.92 9.13 11.79
C MET B 1 6.50 8.24 10.63
N GLU B 2 6.94 8.60 9.42
CA GLU B 2 6.62 7.83 8.23
C GLU B 2 7.88 7.29 7.57
N GLU B 3 7.89 5.99 7.28
CA GLU B 3 9.03 5.36 6.65
C GLU B 3 8.84 5.26 5.14
N LYS B 4 9.90 4.86 4.44
CA LYS B 4 9.86 4.72 2.99
C LYS B 4 9.60 3.28 2.58
N VAL B 5 9.41 3.06 1.28
CA VAL B 5 9.17 1.72 0.75
C VAL B 5 10.43 0.88 0.78
N GLY B 6 11.57 1.51 0.50
CA GLY B 6 12.83 0.81 0.48
C GLY B 6 13.36 0.52 1.87
N ASN B 7 12.58 0.88 2.90
CA ASN B 7 12.98 0.66 4.28
C ASN B 7 11.90 -0.06 5.07
N LEU B 8 10.78 -0.37 4.40
CA LEU B 8 9.68 -1.07 5.05
C LEU B 8 9.99 -2.55 5.23
N LYS B 9 9.31 -3.17 6.18
CA LYS B 9 9.49 -4.59 6.45
C LYS B 9 8.14 -5.24 6.75
N PRO B 10 8.01 -6.55 6.47
CA PRO B 10 6.75 -7.27 6.70
C PRO B 10 6.54 -7.64 8.17
N ASN B 11 5.31 -8.04 8.49
CA ASN B 11 4.96 -8.45 9.86
C ASN B 11 4.90 -7.26 10.81
N MET B 12 4.58 -6.09 10.27
CA MET B 12 4.47 -4.88 11.09
C MET B 12 3.02 -4.45 11.21
N GLU B 13 2.54 -4.31 12.45
CA GLU B 13 1.17 -3.91 12.70
C GLU B 13 1.03 -2.39 12.62
N SER B 14 2.04 -1.73 12.06
CA SER B 14 2.02 -0.28 11.92
C SER B 14 2.97 0.15 10.81
N VAL B 15 2.43 0.75 9.76
CA VAL B 15 3.24 1.21 8.64
C VAL B 15 2.74 2.54 8.10
N ASN B 16 3.55 3.58 8.31
CA ASN B 16 3.22 4.93 7.82
C ASN B 16 4.11 5.28 6.65
N VAL B 17 3.52 5.70 5.53
CA VAL B 17 4.29 6.02 4.35
C VAL B 17 3.54 6.91 3.37
N THR B 18 4.28 7.70 2.60
CA THR B 18 3.70 8.58 1.59
C THR B 18 4.16 8.14 0.20
N VAL B 19 3.21 7.92 -0.70
CA VAL B 19 3.55 7.47 -2.05
C VAL B 19 2.56 7.99 -3.08
N ARG B 20 2.75 7.57 -4.32
CA ARG B 20 1.88 7.98 -5.42
C ARG B 20 1.22 6.77 -6.05
N VAL B 21 0.03 6.95 -6.60
CA VAL B 21 -0.70 5.84 -7.22
C VAL B 21 -0.07 5.45 -8.55
N LEU B 22 0.24 4.16 -8.68
CA LEU B 22 0.83 3.63 -9.90
C LEU B 22 -0.21 2.85 -10.69
N GLU B 23 -1.23 2.38 -9.99
CA GLU B 23 -2.31 1.61 -10.61
C GLU B 23 -3.52 1.56 -9.69
N ALA B 24 -4.64 1.12 -10.22
CA ALA B 24 -5.87 1.03 -9.43
C ALA B 24 -6.90 0.14 -10.12
N SER B 25 -7.40 -0.85 -9.37
CA SER B 25 -8.40 -1.77 -9.90
C SER B 25 -9.74 -1.58 -9.18
N GLU B 26 -10.83 -1.90 -9.88
CA GLU B 26 -12.17 -1.75 -9.31
C GLU B 26 -12.37 -2.72 -8.14
N ALA B 27 -13.23 -2.33 -7.24
CA ALA B 27 -13.46 -3.09 -6.02
C ALA B 27 -14.30 -4.35 -6.27
N ARG B 28 -13.77 -5.49 -5.81
CA ARG B 28 -14.40 -6.79 -6.02
C ARG B 28 -14.48 -7.60 -4.70
N GLN B 29 -15.44 -8.53 -4.65
CA GLN B 29 -15.64 -9.37 -3.49
C GLN B 29 -14.73 -10.60 -3.51
N ILE B 30 -14.19 -10.96 -2.35
CA ILE B 30 -13.34 -12.12 -2.22
C ILE B 30 -13.93 -13.09 -1.19
N GLN B 31 -13.50 -14.33 -1.23
CA GLN B 31 -13.98 -15.35 -0.31
C GLN B 31 -12.86 -15.80 0.62
N THR B 32 -13.00 -15.47 1.90
CA THR B 32 -12.01 -15.84 2.91
C THR B 32 -12.52 -16.95 3.80
N LYS B 33 -11.76 -17.27 4.83
CA LYS B 33 -12.13 -18.31 5.77
C LYS B 33 -13.06 -17.74 6.84
N ASN B 34 -13.23 -16.42 6.83
CA ASN B 34 -14.09 -15.75 7.81
C ASN B 34 -15.36 -15.22 7.13
N GLY B 35 -15.52 -15.55 5.85
CA GLY B 35 -16.70 -15.09 5.12
C GLY B 35 -16.33 -14.32 3.87
N VAL B 36 -17.19 -13.39 3.48
CA VAL B 36 -16.94 -12.59 2.29
C VAL B 36 -16.74 -11.11 2.62
N ARG B 37 -15.78 -10.52 1.92
CA ARG B 37 -15.40 -9.12 2.09
C ARG B 37 -15.17 -8.48 0.74
N THR B 38 -15.05 -7.16 0.73
CA THR B 38 -14.91 -6.42 -0.52
C THR B 38 -13.60 -5.69 -0.55
N ILE B 39 -12.70 -6.17 -1.35
CA ILE B 39 -11.40 -5.55 -1.43
C ILE B 39 -10.99 -5.28 -2.84
N SER B 40 -9.85 -4.64 -2.97
CA SER B 40 -9.31 -4.31 -4.27
C SER B 40 -7.81 -4.21 -4.20
N GLU B 41 -7.18 -4.17 -5.35
CA GLU B 41 -5.75 -4.08 -5.41
C GLU B 41 -5.33 -2.86 -6.22
N ALA B 42 -4.32 -2.17 -5.71
CA ALA B 42 -3.82 -0.97 -6.37
C ALA B 42 -2.31 -0.82 -6.14
N ILE B 43 -1.58 -0.57 -7.21
CA ILE B 43 -0.14 -0.41 -7.13
C ILE B 43 0.28 1.02 -6.80
N VAL B 44 1.15 1.14 -5.81
CA VAL B 44 1.74 2.40 -5.37
C VAL B 44 3.22 2.25 -5.23
N GLY B 45 3.84 3.36 -5.09
CA GLY B 45 5.25 3.39 -4.74
C GLY B 45 5.84 4.78 -4.75
N ASP B 46 7.07 4.90 -4.27
CA ASP B 46 7.76 6.19 -4.23
C ASP B 46 9.13 6.09 -4.88
N GLU B 47 9.98 7.07 -4.62
CA GLU B 47 11.33 7.09 -5.19
C GLU B 47 12.25 6.11 -4.47
N THR B 48 11.71 5.40 -3.48
CA THR B 48 12.50 4.43 -2.72
C THR B 48 12.17 2.99 -3.10
N GLY B 49 11.27 2.83 -4.07
CA GLY B 49 10.89 1.49 -4.51
C GLY B 49 9.43 1.39 -4.91
N ARG B 50 8.87 0.21 -4.70
CA ARG B 50 7.49 -0.05 -5.04
C ARG B 50 6.96 -1.20 -4.21
N VAL B 51 5.70 -1.09 -3.84
CA VAL B 51 5.03 -2.10 -3.05
C VAL B 51 3.53 -2.14 -3.39
N LYS B 52 3.02 -3.36 -3.57
CA LYS B 52 1.60 -3.56 -3.89
C LYS B 52 0.69 -3.18 -2.71
N LEU B 53 -0.34 -2.38 -2.99
CA LEU B 53 -1.29 -1.93 -1.95
C LEU B 53 -2.61 -2.71 -2.05
N THR B 54 -3.11 -3.10 -0.89
CA THR B 54 -4.34 -3.85 -0.78
C THR B 54 -5.33 -3.18 0.15
N LEU B 55 -6.35 -2.61 -0.42
CA LEU B 55 -7.39 -1.93 0.33
C LEU B 55 -8.37 -2.94 0.91
N TRP B 56 -9.07 -2.56 1.97
CA TRP B 56 -10.01 -3.48 2.61
C TRP B 56 -11.38 -2.88 2.89
N GLY B 57 -12.41 -3.55 2.35
CA GLY B 57 -13.80 -3.17 2.51
C GLY B 57 -14.18 -1.86 1.81
N LYS B 58 -14.21 -0.75 2.55
CA LYS B 58 -14.59 0.55 1.95
C LYS B 58 -13.43 1.21 1.21
N HIS B 59 -12.19 0.90 1.62
CA HIS B 59 -11.01 1.44 0.95
C HIS B 59 -10.87 0.84 -0.44
N ALA B 60 -11.50 -0.32 -0.63
CA ALA B 60 -11.46 -1.02 -1.91
C ALA B 60 -11.97 -0.15 -3.05
N GLY B 61 -11.13 0.05 -4.06
CA GLY B 61 -11.51 0.86 -5.21
C GLY B 61 -11.92 2.27 -4.84
N SER B 62 -11.72 2.63 -3.57
CA SER B 62 -12.08 3.97 -3.10
C SER B 62 -10.97 4.97 -3.39
N ILE B 63 -9.76 4.47 -3.64
CA ILE B 63 -8.63 5.33 -3.91
C ILE B 63 -8.68 5.90 -5.33
N LYS B 64 -7.78 6.83 -5.61
CA LYS B 64 -7.70 7.49 -6.90
C LYS B 64 -6.57 6.93 -7.75
N GLU B 65 -6.34 7.58 -8.87
CA GLU B 65 -5.28 7.19 -9.80
C GLU B 65 -4.01 7.93 -9.44
N GLY B 66 -2.97 7.80 -10.26
CA GLY B 66 -1.69 8.44 -9.95
C GLY B 66 -1.82 9.84 -9.37
N GLN B 67 -2.02 9.87 -8.06
CA GLN B 67 -2.15 11.10 -7.29
C GLN B 67 -1.35 10.97 -6.00
N VAL B 68 -1.02 12.09 -5.36
CA VAL B 68 -0.25 12.05 -4.12
C VAL B 68 -1.12 11.69 -2.93
N VAL B 69 -0.85 10.52 -2.35
CA VAL B 69 -1.60 10.06 -1.19
C VAL B 69 -0.69 9.88 0.01
N LYS B 70 -1.26 9.50 1.14
CA LYS B 70 -0.50 9.29 2.36
C LYS B 70 -1.02 8.08 3.11
N ILE B 71 -0.25 7.00 3.09
CA ILE B 71 -0.63 5.77 3.77
C ILE B 71 -0.39 5.91 5.27
N GLU B 72 -1.29 5.34 6.05
CA GLU B 72 -1.19 5.40 7.49
C GLU B 72 -0.97 4.02 8.07
N ASN B 73 -0.93 3.98 9.38
CA ASN B 73 -0.72 2.77 10.14
C ASN B 73 -1.67 1.66 9.70
N ALA B 74 -1.10 0.73 8.92
CA ALA B 74 -1.84 -0.42 8.47
C ALA B 74 -1.11 -1.68 8.88
N TRP B 75 -0.38 -2.27 7.94
CA TRP B 75 0.39 -3.48 8.20
C TRP B 75 1.02 -4.00 6.93
N THR B 76 1.85 -5.01 7.12
CA THR B 76 2.55 -5.63 6.02
C THR B 76 2.50 -7.14 6.16
N THR B 77 2.17 -7.79 5.07
CA THR B 77 2.10 -9.24 5.05
C THR B 77 2.90 -9.77 3.87
N ALA B 78 3.77 -10.73 4.12
CA ALA B 78 4.60 -11.28 3.05
C ALA B 78 3.93 -12.41 2.30
N PHE B 79 3.48 -12.13 1.08
CA PHE B 79 2.85 -13.11 0.25
C PHE B 79 3.84 -13.70 -0.74
N LYS B 80 4.01 -15.02 -0.68
CA LYS B 80 4.92 -15.73 -1.58
C LYS B 80 6.38 -15.29 -1.40
N GLY B 81 6.69 -14.68 -0.26
CA GLY B 81 8.05 -14.24 0.01
C GLY B 81 8.28 -12.76 -0.23
N GLN B 82 7.32 -12.11 -0.88
CA GLN B 82 7.44 -10.67 -1.13
C GLN B 82 6.57 -9.90 -0.15
N VAL B 83 7.09 -8.80 0.37
CA VAL B 83 6.33 -8.00 1.32
C VAL B 83 5.18 -7.29 0.62
N GLN B 84 4.12 -6.98 1.35
CA GLN B 84 2.95 -6.32 0.78
C GLN B 84 2.35 -5.36 1.78
N LEU B 85 1.55 -4.42 1.30
CA LEU B 85 0.92 -3.42 2.15
C LEU B 85 -0.59 -3.43 1.98
N ASN B 86 -1.31 -3.07 3.04
CA ASN B 86 -2.77 -3.06 3.00
C ASN B 86 -3.30 -1.82 3.68
N ALA B 87 -4.60 -1.62 3.59
CA ALA B 87 -5.20 -0.52 4.30
C ALA B 87 -6.56 -0.90 4.83
N GLY B 88 -6.68 -0.87 6.15
CA GLY B 88 -7.94 -1.19 6.80
C GLY B 88 -8.49 -0.06 7.63
N SER B 89 -8.78 -0.36 8.90
CA SER B 89 -9.38 0.62 9.81
C SER B 89 -8.41 1.63 10.42
N LYS B 90 -7.34 1.17 11.12
CA LYS B 90 -6.39 2.12 11.75
C LYS B 90 -5.59 2.86 10.68
N THR B 91 -5.90 2.57 9.43
CA THR B 91 -5.24 3.19 8.31
C THR B 91 -6.15 4.25 7.70
N LYS B 92 -5.70 5.49 7.66
CA LYS B 92 -6.47 6.57 7.07
C LYS B 92 -5.78 7.09 5.83
N ILE B 93 -6.35 6.84 4.66
CA ILE B 93 -5.73 7.30 3.42
C ILE B 93 -6.30 8.65 3.00
N ALA B 94 -5.44 9.52 2.46
CA ALA B 94 -5.87 10.84 2.01
C ALA B 94 -4.82 11.48 1.12
N GLU B 95 -5.28 12.35 0.22
CA GLU B 95 -4.39 13.05 -0.70
C GLU B 95 -3.47 13.99 0.04
N ALA B 96 -2.18 13.96 -0.31
CA ALA B 96 -1.19 14.82 0.33
C ALA B 96 -0.45 15.67 -0.71
N SER B 97 -0.24 16.95 -0.38
CA SER B 97 0.46 17.85 -1.28
C SER B 97 1.84 18.21 -0.74
N GLU B 98 2.87 17.98 -1.56
CA GLU B 98 4.24 18.28 -1.15
C GLU B 98 4.94 19.13 -2.21
N ASP B 99 6.26 19.03 -2.27
CA ASP B 99 7.05 19.77 -3.24
C ASP B 99 7.05 19.09 -4.60
N GLY B 100 6.12 18.16 -4.79
CA GLY B 100 6.03 17.45 -6.05
C GLY B 100 6.60 16.05 -5.97
N PHE B 101 5.78 15.11 -5.50
CA PHE B 101 6.21 13.71 -5.37
C PHE B 101 6.59 13.14 -6.73
N PRO B 102 7.59 12.24 -6.78
CA PRO B 102 8.04 11.62 -8.02
C PRO B 102 6.89 11.03 -8.83
N GLU B 103 6.99 11.13 -10.16
CA GLU B 103 5.96 10.60 -11.04
C GLU B 103 6.01 9.07 -11.10
N SER B 104 4.92 8.47 -11.54
CA SER B 104 4.83 7.01 -11.65
C SER B 104 5.83 6.48 -12.68
N SER B 105 6.16 7.31 -13.66
CA SER B 105 7.09 6.93 -14.72
C SER B 105 8.53 7.09 -14.24
N GLN B 106 8.71 7.64 -13.05
CA GLN B 106 10.03 7.86 -12.50
C GLN B 106 10.16 7.19 -11.13
N ILE B 107 9.16 6.37 -10.79
CA ILE B 107 9.16 5.67 -9.51
C ILE B 107 9.74 4.27 -9.65
N PRO B 108 10.81 3.94 -8.90
CA PRO B 108 11.45 2.62 -8.95
C PRO B 108 10.45 1.49 -8.73
N GLU B 109 10.86 0.28 -9.06
CA GLU B 109 9.99 -0.90 -8.91
C GLU B 109 10.61 -1.91 -7.96
N ASN B 110 11.67 -1.51 -7.27
CA ASN B 110 12.37 -2.38 -6.33
C ASN B 110 11.39 -2.95 -5.29
N THR B 111 11.34 -4.27 -5.21
CA THR B 111 10.46 -4.94 -4.27
C THR B 111 11.16 -5.16 -2.92
N PRO B 112 10.69 -4.48 -1.86
CA PRO B 112 11.28 -4.61 -0.52
C PRO B 112 11.27 -6.05 -0.02
N THR B 113 12.38 -6.46 0.62
CA THR B 113 12.50 -7.81 1.15
C THR B 113 13.44 -7.85 2.35
N ALA B 114 12.94 -8.37 3.46
CA ALA B 114 13.74 -8.46 4.69
C ALA B 114 14.92 -9.40 4.50
N ARG B 115 15.88 -9.32 5.42
CA ARG B 115 17.07 -10.16 5.37
C ARG B 115 16.82 -11.50 6.07
N ARG B 116 17.33 -12.58 5.48
CA ARG B 116 17.17 -13.91 6.04
C ARG B 116 18.51 -14.47 6.52
N ARG B 117 18.47 -15.30 7.55
CA ARG B 117 19.68 -15.90 8.10
C ARG B 117 20.13 -17.08 7.24
N MET B 1 7.46 10.30 11.41
CA MET B 1 6.98 8.98 11.88
C MET B 1 6.56 8.09 10.71
N GLU B 2 6.98 8.46 9.51
CA GLU B 2 6.65 7.70 8.32
C GLU B 2 7.91 7.18 7.63
N GLU B 3 7.93 5.88 7.35
CA GLU B 3 9.08 5.26 6.69
C GLU B 3 8.87 5.17 5.18
N LYS B 4 9.92 4.79 4.47
CA LYS B 4 9.87 4.66 3.01
C LYS B 4 9.62 3.21 2.60
N VAL B 5 9.42 3.00 1.30
CA VAL B 5 9.17 1.68 0.77
C VAL B 5 10.45 0.83 0.76
N GLY B 6 11.58 1.48 0.49
CA GLY B 6 12.85 0.78 0.45
C GLY B 6 13.39 0.49 1.84
N ASN B 7 12.62 0.84 2.86
CA ASN B 7 13.04 0.62 4.24
C ASN B 7 11.96 -0.13 5.03
N LEU B 8 10.84 -0.44 4.38
CA LEU B 8 9.75 -1.15 5.03
C LEU B 8 10.07 -2.63 5.19
N LYS B 9 9.41 -3.26 6.15
CA LYS B 9 9.61 -4.68 6.41
C LYS B 9 8.26 -5.35 6.71
N PRO B 10 8.13 -6.65 6.42
CA PRO B 10 6.88 -7.38 6.65
C PRO B 10 6.70 -7.77 8.12
N ASN B 11 5.47 -8.17 8.46
CA ASN B 11 5.13 -8.61 9.82
C ASN B 11 5.07 -7.43 10.78
N MET B 12 4.74 -6.25 10.26
CA MET B 12 4.63 -5.05 11.08
C MET B 12 3.17 -4.64 11.23
N GLU B 13 2.71 -4.51 12.47
CA GLU B 13 1.34 -4.12 12.73
C GLU B 13 1.18 -2.60 12.67
N SER B 14 2.17 -1.93 12.11
CA SER B 14 2.15 -0.48 11.98
C SER B 14 3.10 -0.02 10.88
N VAL B 15 2.53 0.57 9.83
CA VAL B 15 3.33 1.05 8.71
C VAL B 15 2.82 2.39 8.18
N ASN B 16 3.62 3.43 8.38
CA ASN B 16 3.28 4.77 7.92
C ASN B 16 4.15 5.14 6.73
N VAL B 17 3.55 5.57 5.64
CA VAL B 17 4.32 5.91 4.44
C VAL B 17 3.54 6.80 3.47
N THR B 18 4.26 7.60 2.70
CA THR B 18 3.67 8.49 1.71
C THR B 18 4.12 8.06 0.31
N VAL B 19 3.17 7.83 -0.59
CA VAL B 19 3.48 7.39 -1.94
C VAL B 19 2.48 7.93 -2.95
N ARG B 20 2.68 7.52 -4.21
CA ARG B 20 1.79 7.93 -5.29
C ARG B 20 1.13 6.71 -5.93
N VAL B 21 -0.07 6.89 -6.46
CA VAL B 21 -0.79 5.79 -7.08
C VAL B 21 -0.17 5.40 -8.42
N LEU B 22 0.15 4.13 -8.57
CA LEU B 22 0.73 3.61 -9.80
C LEU B 22 -0.31 2.82 -10.59
N GLU B 23 -1.32 2.35 -9.88
CA GLU B 23 -2.40 1.57 -10.49
C GLU B 23 -3.60 1.50 -9.56
N ALA B 24 -4.73 1.05 -10.08
CA ALA B 24 -5.95 0.95 -9.29
C ALA B 24 -6.98 0.05 -9.96
N SER B 25 -7.47 -0.93 -9.23
CA SER B 25 -8.46 -1.86 -9.75
C SER B 25 -9.80 -1.68 -9.03
N GLU B 26 -10.89 -2.01 -9.72
CA GLU B 26 -12.22 -1.88 -9.13
C GLU B 26 -12.41 -2.86 -7.97
N ALA B 27 -13.28 -2.48 -7.05
CA ALA B 27 -13.50 -3.25 -5.85
C ALA B 27 -14.34 -4.50 -6.10
N ARG B 28 -13.76 -5.65 -5.72
CA ARG B 28 -14.39 -6.96 -5.92
C ARG B 28 -14.50 -7.74 -4.60
N GLN B 29 -15.41 -8.73 -4.58
CA GLN B 29 -15.63 -9.56 -3.40
C GLN B 29 -14.72 -10.78 -3.40
N ILE B 30 -14.21 -11.12 -2.22
CA ILE B 30 -13.35 -12.29 -2.06
C ILE B 30 -13.96 -13.22 -1.01
N GLN B 31 -13.53 -14.48 -1.02
CA GLN B 31 -14.03 -15.47 -0.07
C GLN B 31 -12.92 -15.91 0.88
N THR B 32 -13.07 -15.56 2.16
CA THR B 32 -12.09 -15.94 3.18
C THR B 32 -12.63 -16.99 4.12
N LYS B 33 -11.85 -17.27 5.16
CA LYS B 33 -12.24 -18.26 6.15
C LYS B 33 -13.18 -17.64 7.19
N ASN B 34 -13.34 -16.32 7.12
CA ASN B 34 -14.20 -15.60 8.05
C ASN B 34 -15.46 -15.08 7.34
N GLY B 35 -15.63 -15.50 6.08
CA GLY B 35 -16.79 -15.07 5.32
C GLY B 35 -16.41 -14.32 4.06
N VAL B 36 -17.30 -13.47 3.59
CA VAL B 36 -17.02 -12.69 2.38
C VAL B 36 -16.82 -11.21 2.70
N ARG B 37 -15.84 -10.63 2.00
CA ARG B 37 -15.47 -9.22 2.15
C ARG B 37 -15.23 -8.60 0.80
N THR B 38 -15.11 -7.28 0.78
CA THR B 38 -14.94 -6.55 -0.46
C THR B 38 -13.64 -5.82 -0.47
N ILE B 39 -12.72 -6.30 -1.26
CA ILE B 39 -11.41 -5.69 -1.31
C ILE B 39 -10.97 -5.43 -2.73
N SER B 40 -9.82 -4.79 -2.84
CA SER B 40 -9.26 -4.48 -4.13
C SER B 40 -7.76 -4.33 -4.02
N GLU B 41 -7.11 -4.30 -5.15
CA GLU B 41 -5.68 -4.18 -5.18
C GLU B 41 -5.26 -3.00 -6.06
N ALA B 42 -4.35 -2.19 -5.54
CA ALA B 42 -3.86 -1.02 -6.25
C ALA B 42 -2.36 -0.85 -6.04
N ILE B 43 -1.63 -0.64 -7.13
CA ILE B 43 -0.19 -0.47 -7.06
C ILE B 43 0.23 0.97 -6.72
N VAL B 44 1.09 1.08 -5.73
CA VAL B 44 1.69 2.34 -5.27
C VAL B 44 3.17 2.20 -5.16
N GLY B 45 3.77 3.32 -5.02
CA GLY B 45 5.19 3.36 -4.68
C GLY B 45 5.77 4.76 -4.70
N ASP B 46 7.00 4.89 -4.23
CA ASP B 46 7.68 6.18 -4.17
C ASP B 46 9.04 6.10 -4.84
N GLU B 47 9.89 7.09 -4.59
CA GLU B 47 11.22 7.13 -5.17
C GLU B 47 12.16 6.16 -4.47
N THR B 48 11.64 5.42 -3.49
CA THR B 48 12.45 4.47 -2.75
C THR B 48 12.13 3.03 -3.14
N GLY B 49 11.22 2.86 -4.10
CA GLY B 49 10.86 1.53 -4.53
C GLY B 49 9.40 1.41 -4.92
N ARG B 50 8.84 0.23 -4.70
CA ARG B 50 7.46 -0.04 -5.04
C ARG B 50 6.95 -1.20 -4.21
N VAL B 51 5.69 -1.10 -3.83
CA VAL B 51 5.03 -2.12 -3.04
C VAL B 51 3.53 -2.20 -3.37
N LYS B 52 3.03 -3.43 -3.53
CA LYS B 52 1.62 -3.65 -3.84
C LYS B 52 0.72 -3.27 -2.66
N LEU B 53 -0.33 -2.49 -2.93
CA LEU B 53 -1.27 -2.05 -1.90
C LEU B 53 -2.58 -2.83 -1.99
N THR B 54 -3.09 -3.23 -0.83
CA THR B 54 -4.32 -3.98 -0.73
C THR B 54 -5.30 -3.32 0.22
N LEU B 55 -6.34 -2.77 -0.33
CA LEU B 55 -7.38 -2.10 0.44
C LEU B 55 -8.35 -3.13 1.01
N TRP B 56 -9.06 -2.75 2.08
CA TRP B 56 -9.98 -3.68 2.72
C TRP B 56 -11.36 -3.07 3.00
N GLY B 57 -12.38 -3.77 2.51
CA GLY B 57 -13.78 -3.38 2.67
C GLY B 57 -14.17 -2.08 1.99
N LYS B 58 -14.19 -0.97 2.73
CA LYS B 58 -14.58 0.32 2.17
C LYS B 58 -13.43 1.01 1.42
N HIS B 59 -12.19 0.69 1.80
CA HIS B 59 -11.02 1.24 1.13
C HIS B 59 -10.88 0.65 -0.28
N ALA B 60 -11.50 -0.51 -0.47
CA ALA B 60 -11.47 -1.20 -1.76
C ALA B 60 -12.00 -0.32 -2.88
N GLY B 61 -11.17 -0.11 -3.90
CA GLY B 61 -11.57 0.71 -5.04
C GLY B 61 -11.98 2.12 -4.65
N SER B 62 -11.78 2.47 -3.39
CA SER B 62 -12.14 3.80 -2.90
C SER B 62 -11.04 4.81 -3.18
N ILE B 63 -9.84 4.32 -3.45
CA ILE B 63 -8.70 5.20 -3.73
C ILE B 63 -8.78 5.77 -5.14
N LYS B 64 -7.89 6.71 -5.41
CA LYS B 64 -7.83 7.39 -6.70
C LYS B 64 -6.70 6.84 -7.56
N GLU B 65 -6.48 7.50 -8.69
CA GLU B 65 -5.43 7.13 -9.64
C GLU B 65 -4.17 7.88 -9.27
N GLY B 66 -3.13 7.77 -10.10
CA GLY B 66 -1.86 8.41 -9.81
C GLY B 66 -1.99 9.80 -9.21
N GLN B 67 -2.18 9.82 -7.89
CA GLN B 67 -2.31 11.05 -7.11
C GLN B 67 -1.49 10.91 -5.83
N VAL B 68 -1.17 12.03 -5.19
CA VAL B 68 -0.39 11.98 -3.96
C VAL B 68 -1.25 11.61 -2.76
N VAL B 69 -0.96 10.44 -2.19
CA VAL B 69 -1.69 9.95 -1.02
C VAL B 69 -0.77 9.77 0.16
N LYS B 70 -1.34 9.38 1.29
CA LYS B 70 -0.56 9.16 2.50
C LYS B 70 -1.06 7.93 3.25
N ILE B 71 -0.27 6.87 3.21
CA ILE B 71 -0.64 5.63 3.89
C ILE B 71 -0.39 5.76 5.38
N GLU B 72 -1.28 5.18 6.17
CA GLU B 72 -1.17 5.22 7.61
C GLU B 72 -0.93 3.83 8.17
N ASN B 73 -0.87 3.80 9.49
CA ASN B 73 -0.65 2.57 10.23
C ASN B 73 -1.59 1.45 9.79
N ALA B 74 -1.03 0.55 8.99
CA ALA B 74 -1.76 -0.60 8.53
C ALA B 74 -1.03 -1.86 8.95
N TRP B 75 -0.28 -2.44 8.01
CA TRP B 75 0.48 -3.66 8.27
C TRP B 75 1.11 -4.18 7.00
N THR B 76 1.98 -5.15 7.17
CA THR B 76 2.67 -5.76 6.06
C THR B 76 2.62 -7.26 6.17
N THR B 77 2.29 -7.90 5.07
CA THR B 77 2.20 -9.35 5.03
C THR B 77 3.01 -9.85 3.83
N ALA B 78 3.88 -10.82 4.06
CA ALA B 78 4.73 -11.33 2.98
C ALA B 78 4.05 -12.45 2.20
N PHE B 79 3.63 -12.13 0.97
CA PHE B 79 3.01 -13.10 0.10
C PHE B 79 4.00 -13.63 -0.90
N LYS B 80 4.16 -14.95 -0.92
CA LYS B 80 5.07 -15.63 -1.85
C LYS B 80 6.53 -15.21 -1.64
N GLY B 81 6.85 -14.64 -0.48
CA GLY B 81 8.21 -14.23 -0.19
C GLY B 81 8.45 -12.74 -0.38
N GLN B 82 7.49 -12.06 -1.00
CA GLN B 82 7.61 -10.61 -1.20
C GLN B 82 6.74 -9.88 -0.19
N VAL B 83 7.22 -8.76 0.32
CA VAL B 83 6.45 -7.99 1.28
C VAL B 83 5.28 -7.30 0.59
N GLN B 84 4.23 -7.02 1.34
CA GLN B 84 3.05 -6.37 0.79
C GLN B 84 2.44 -5.42 1.80
N LEU B 85 1.59 -4.52 1.32
CA LEU B 85 0.96 -3.54 2.19
C LEU B 85 -0.56 -3.56 2.02
N ASN B 86 -1.29 -3.22 3.09
CA ASN B 86 -2.75 -3.22 3.06
C ASN B 86 -3.29 -1.99 3.74
N ALA B 87 -4.59 -1.80 3.64
CA ALA B 87 -5.20 -0.70 4.35
C ALA B 87 -6.55 -1.11 4.90
N GLY B 88 -6.65 -1.08 6.22
CA GLY B 88 -7.88 -1.44 6.89
C GLY B 88 -8.45 -0.32 7.75
N SER B 89 -8.72 -0.64 9.03
CA SER B 89 -9.31 0.32 9.96
C SER B 89 -8.33 1.34 10.58
N LYS B 90 -7.27 0.86 11.27
CA LYS B 90 -6.31 1.80 11.90
C LYS B 90 -5.53 2.58 10.85
N THR B 91 -5.83 2.30 9.60
CA THR B 91 -5.19 2.96 8.48
C THR B 91 -6.13 4.02 7.90
N LYS B 92 -5.66 5.25 7.79
CA LYS B 92 -6.46 6.34 7.23
C LYS B 92 -5.79 6.88 5.98
N ILE B 93 -6.38 6.64 4.81
CA ILE B 93 -5.77 7.12 3.57
C ILE B 93 -6.36 8.46 3.17
N ALA B 94 -5.51 9.34 2.63
CA ALA B 94 -5.96 10.65 2.20
C ALA B 94 -4.92 11.31 1.29
N GLU B 95 -5.40 12.19 0.40
CA GLU B 95 -4.52 12.89 -0.52
C GLU B 95 -3.60 13.86 0.22
N ALA B 96 -2.32 13.84 -0.14
CA ALA B 96 -1.34 14.70 0.50
C ALA B 96 -0.62 15.57 -0.53
N SER B 97 -0.41 16.83 -0.20
CA SER B 97 0.27 17.76 -1.09
C SER B 97 1.66 18.13 -0.56
N GLU B 98 2.68 17.91 -1.39
CA GLU B 98 4.05 18.22 -0.99
C GLU B 98 4.73 19.08 -2.05
N ASP B 99 6.06 19.00 -2.11
CA ASP B 99 6.83 19.78 -3.08
C ASP B 99 6.82 19.10 -4.45
N GLY B 100 5.90 18.16 -4.65
CA GLY B 100 5.81 17.46 -5.91
C GLY B 100 6.39 16.06 -5.84
N PHE B 101 5.60 15.10 -5.37
CA PHE B 101 6.04 13.72 -5.25
C PHE B 101 6.41 13.16 -6.62
N PRO B 102 7.42 12.26 -6.68
CA PRO B 102 7.87 11.66 -7.94
C PRO B 102 6.72 11.06 -8.75
N GLU B 103 6.81 11.16 -10.06
CA GLU B 103 5.78 10.64 -10.95
C GLU B 103 5.85 9.11 -11.02
N SER B 104 4.75 8.50 -11.46
CA SER B 104 4.68 7.04 -11.57
C SER B 104 5.66 6.53 -12.62
N SER B 105 5.98 7.38 -13.60
CA SER B 105 6.91 7.01 -14.66
C SER B 105 8.36 7.18 -14.21
N GLN B 106 8.54 7.73 -13.01
CA GLN B 106 9.86 7.95 -12.46
C GLN B 106 10.01 7.28 -11.09
N ILE B 107 9.02 6.44 -10.75
CA ILE B 107 9.04 5.74 -9.48
C ILE B 107 9.63 4.33 -9.64
N PRO B 108 10.71 4.01 -8.90
CA PRO B 108 11.36 2.70 -8.96
C PRO B 108 10.37 1.56 -8.74
N GLU B 109 10.79 0.35 -9.09
CA GLU B 109 9.94 -0.83 -8.94
C GLU B 109 10.58 -1.85 -8.00
N ASN B 110 11.64 -1.43 -7.32
CA ASN B 110 12.35 -2.31 -6.39
C ASN B 110 11.39 -2.89 -5.35
N THR B 111 11.35 -4.22 -5.27
CA THR B 111 10.47 -4.90 -4.32
C THR B 111 11.19 -5.13 -2.99
N PRO B 112 10.73 -4.46 -1.92
CA PRO B 112 11.33 -4.59 -0.58
C PRO B 112 11.35 -6.04 -0.09
N THR B 113 12.45 -6.43 0.53
CA THR B 113 12.60 -7.79 1.05
C THR B 113 13.55 -7.83 2.24
N ALA B 114 13.06 -8.37 3.36
CA ALA B 114 13.86 -8.46 4.58
C ALA B 114 15.05 -9.39 4.38
N ARG B 115 16.02 -9.31 5.29
CA ARG B 115 17.21 -10.13 5.22
C ARG B 115 16.98 -11.47 5.91
N ARG B 116 17.50 -12.54 5.31
CA ARG B 116 17.36 -13.88 5.86
C ARG B 116 18.71 -14.43 6.32
N ARG B 117 18.68 -15.28 7.35
CA ARG B 117 19.91 -15.86 7.88
C ARG B 117 20.37 -17.04 7.01
N MET B 1 7.16 10.28 11.80
CA MET B 1 6.70 8.95 12.26
C MET B 1 6.30 8.07 11.09
N GLU B 2 6.73 8.46 9.89
CA GLU B 2 6.41 7.71 8.67
C GLU B 2 7.68 7.20 8.00
N GLU B 3 7.71 5.90 7.70
CA GLU B 3 8.87 5.29 7.05
C GLU B 3 8.67 5.22 5.54
N LYS B 4 9.74 4.85 4.83
CA LYS B 4 9.70 4.74 3.38
C LYS B 4 9.46 3.30 2.95
N VAL B 5 9.28 3.11 1.64
CA VAL B 5 9.05 1.77 1.09
C VAL B 5 10.32 0.95 1.10
N GLY B 6 11.45 1.60 0.83
CA GLY B 6 12.72 0.92 0.81
C GLY B 6 13.26 0.61 2.18
N ASN B 7 12.48 0.94 3.21
CA ASN B 7 12.87 0.72 4.59
C ASN B 7 11.80 -0.05 5.36
N LEU B 8 10.69 -0.36 4.69
CA LEU B 8 9.60 -1.08 5.33
C LEU B 8 9.93 -2.56 5.47
N LYS B 9 9.26 -3.21 6.42
CA LYS B 9 9.47 -4.63 6.67
C LYS B 9 8.13 -5.31 6.95
N PRO B 10 8.01 -6.61 6.64
CA PRO B 10 6.76 -7.36 6.87
C PRO B 10 6.56 -7.75 8.32
N ASN B 11 5.34 -8.18 8.64
CA ASN B 11 4.99 -8.62 9.99
C ASN B 11 4.91 -7.46 10.98
N MET B 12 4.58 -6.27 10.46
CA MET B 12 4.45 -5.09 11.29
C MET B 12 2.99 -4.68 11.43
N GLU B 13 2.52 -4.56 12.67
CA GLU B 13 1.14 -4.19 12.93
C GLU B 13 0.97 -2.67 12.87
N SER B 14 1.97 -1.99 12.33
CA SER B 14 1.94 -0.53 12.21
C SER B 14 2.89 -0.06 11.12
N VAL B 15 2.32 0.54 10.08
CA VAL B 15 3.14 1.04 8.96
C VAL B 15 2.62 2.37 8.45
N ASN B 16 3.40 3.42 8.67
CA ASN B 16 3.06 4.76 8.22
C ASN B 16 3.95 5.15 7.05
N VAL B 17 3.34 5.58 5.94
CA VAL B 17 4.13 5.94 4.76
C VAL B 17 3.34 6.84 3.80
N THR B 18 4.08 7.65 3.04
CA THR B 18 3.49 8.55 2.05
C THR B 18 3.95 8.14 0.66
N VAL B 19 3.01 7.91 -0.25
CA VAL B 19 3.34 7.49 -1.61
C VAL B 19 2.34 8.03 -2.63
N ARG B 20 2.55 7.64 -3.89
CA ARG B 20 1.67 8.05 -4.97
C ARG B 20 1.03 6.83 -5.63
N VAL B 21 -0.17 7.01 -6.17
CA VAL B 21 -0.87 5.91 -6.81
C VAL B 21 -0.25 5.54 -8.15
N LEU B 22 0.08 4.26 -8.30
CA LEU B 22 0.69 3.77 -9.53
C LEU B 22 -0.34 2.98 -10.34
N GLU B 23 -1.36 2.48 -9.64
CA GLU B 23 -2.42 1.71 -10.27
C GLU B 23 -3.63 1.62 -9.35
N ALA B 24 -4.76 1.18 -9.90
CA ALA B 24 -5.98 1.06 -9.11
C ALA B 24 -7.00 0.16 -9.80
N SER B 25 -7.49 -0.84 -9.08
CA SER B 25 -8.48 -1.77 -9.62
C SER B 25 -9.82 -1.60 -8.91
N GLU B 26 -10.90 -1.93 -9.61
CA GLU B 26 -12.24 -1.81 -9.04
C GLU B 26 -12.42 -2.81 -7.89
N ALA B 27 -13.31 -2.46 -6.99
CA ALA B 27 -13.52 -3.25 -5.79
C ALA B 27 -14.38 -4.49 -6.02
N ARG B 28 -13.83 -5.65 -5.61
CA ARG B 28 -14.48 -6.95 -5.79
C ARG B 28 -14.66 -7.69 -4.46
N GLN B 29 -15.35 -8.83 -4.51
CA GLN B 29 -15.58 -9.66 -3.33
C GLN B 29 -14.62 -10.85 -3.31
N ILE B 30 -14.13 -11.21 -2.13
CA ILE B 30 -13.24 -12.34 -1.98
C ILE B 30 -13.79 -13.29 -0.91
N GLN B 31 -13.37 -14.54 -0.95
CA GLN B 31 -13.83 -15.55 -0.01
C GLN B 31 -12.71 -15.99 0.93
N THR B 32 -12.85 -15.67 2.21
CA THR B 32 -11.85 -16.04 3.21
C THR B 32 -12.38 -17.11 4.15
N LYS B 33 -11.61 -17.38 5.20
CA LYS B 33 -12.00 -18.37 6.19
C LYS B 33 -12.95 -17.76 7.21
N ASN B 34 -13.12 -16.45 7.14
CA ASN B 34 -14.00 -15.73 8.07
C ASN B 34 -15.25 -15.24 7.35
N GLY B 35 -15.43 -15.66 6.10
CA GLY B 35 -16.59 -15.25 5.34
C GLY B 35 -16.23 -14.45 4.12
N VAL B 36 -17.18 -13.69 3.59
CA VAL B 36 -16.92 -12.88 2.41
C VAL B 36 -16.73 -11.41 2.78
N ARG B 37 -15.76 -10.81 2.11
CA ARG B 37 -15.39 -9.41 2.29
C ARG B 37 -15.17 -8.75 0.95
N THR B 38 -15.06 -7.44 0.93
CA THR B 38 -14.91 -6.71 -0.31
C THR B 38 -13.63 -5.94 -0.32
N ILE B 39 -12.71 -6.39 -1.12
CA ILE B 39 -11.41 -5.75 -1.19
C ILE B 39 -10.99 -5.50 -2.62
N SER B 40 -9.91 -4.77 -2.76
CA SER B 40 -9.38 -4.45 -4.05
C SER B 40 -7.87 -4.32 -3.97
N GLU B 41 -7.25 -4.27 -5.13
CA GLU B 41 -5.82 -4.16 -5.18
C GLU B 41 -5.41 -2.91 -5.97
N ALA B 42 -4.39 -2.21 -5.47
CA ALA B 42 -3.91 -0.99 -6.07
C ALA B 42 -2.41 -0.82 -5.85
N ILE B 43 -1.67 -0.52 -6.91
CA ILE B 43 -0.23 -0.35 -6.83
C ILE B 43 0.16 1.09 -6.45
N VAL B 44 1.05 1.20 -5.48
CA VAL B 44 1.61 2.47 -5.01
C VAL B 44 3.09 2.35 -4.86
N GLY B 45 3.68 3.48 -4.72
CA GLY B 45 5.09 3.52 -4.37
C GLY B 45 5.67 4.92 -4.37
N ASP B 46 6.90 5.05 -3.88
CA ASP B 46 7.57 6.34 -3.81
C ASP B 46 8.94 6.26 -4.47
N GLU B 47 9.78 7.26 -4.20
CA GLU B 47 11.12 7.31 -4.77
C GLU B 47 12.06 6.34 -4.06
N THR B 48 11.53 5.59 -3.10
CA THR B 48 12.34 4.63 -2.34
C THR B 48 12.01 3.19 -2.76
N GLY B 49 11.12 3.02 -3.72
CA GLY B 49 10.76 1.69 -4.17
C GLY B 49 9.30 1.58 -4.58
N ARG B 50 8.76 0.39 -4.37
CA ARG B 50 7.39 0.11 -4.72
C ARG B 50 6.86 -1.06 -3.90
N VAL B 51 5.61 -0.96 -3.54
CA VAL B 51 4.94 -1.99 -2.75
C VAL B 51 3.45 -2.06 -3.10
N LYS B 52 2.97 -3.27 -3.33
CA LYS B 52 1.56 -3.49 -3.66
C LYS B 52 0.64 -3.16 -2.48
N LEU B 53 -0.39 -2.35 -2.73
CA LEU B 53 -1.35 -1.94 -1.69
C LEU B 53 -2.66 -2.72 -1.80
N THR B 54 -3.17 -3.14 -0.65
CA THR B 54 -4.39 -3.89 -0.57
C THR B 54 -5.39 -3.24 0.38
N LEU B 55 -6.45 -2.74 -0.18
CA LEU B 55 -7.50 -2.09 0.56
C LEU B 55 -8.48 -3.11 1.13
N TRP B 56 -9.16 -2.76 2.21
CA TRP B 56 -10.09 -3.70 2.84
C TRP B 56 -11.47 -3.10 3.12
N GLY B 57 -12.48 -3.80 2.60
CA GLY B 57 -13.89 -3.44 2.75
C GLY B 57 -14.28 -2.13 2.07
N LYS B 58 -14.30 -1.02 2.82
CA LYS B 58 -14.69 0.27 2.25
C LYS B 58 -13.54 0.96 1.52
N HIS B 59 -12.30 0.64 1.90
CA HIS B 59 -11.13 1.20 1.24
C HIS B 59 -10.98 0.63 -0.16
N ALA B 60 -11.59 -0.52 -0.38
CA ALA B 60 -11.54 -1.20 -1.67
C ALA B 60 -12.07 -0.32 -2.79
N GLY B 61 -11.23 -0.09 -3.80
CA GLY B 61 -11.63 0.74 -4.93
C GLY B 61 -12.06 2.14 -4.53
N SER B 62 -11.86 2.49 -3.27
CA SER B 62 -12.24 3.81 -2.76
C SER B 62 -11.15 4.82 -3.03
N ILE B 63 -9.93 4.34 -3.29
CA ILE B 63 -8.79 5.23 -3.54
C ILE B 63 -8.87 5.82 -4.95
N LYS B 64 -7.98 6.77 -5.20
CA LYS B 64 -7.92 7.46 -6.49
C LYS B 64 -6.77 6.93 -7.34
N GLU B 65 -6.54 7.60 -8.47
CA GLU B 65 -5.48 7.24 -9.40
C GLU B 65 -4.23 8.00 -9.02
N GLY B 66 -3.18 7.91 -9.84
CA GLY B 66 -1.92 8.55 -9.52
C GLY B 66 -2.07 9.93 -8.92
N GLN B 67 -2.26 9.94 -7.60
CA GLN B 67 -2.41 11.15 -6.81
C GLN B 67 -1.60 11.01 -5.51
N VAL B 68 -1.30 12.13 -4.86
CA VAL B 68 -0.52 12.08 -3.63
C VAL B 68 -1.40 11.67 -2.44
N VAL B 69 -1.11 10.50 -1.88
CA VAL B 69 -1.85 10.00 -0.72
C VAL B 69 -0.93 9.82 0.47
N LYS B 70 -1.51 9.41 1.59
CA LYS B 70 -0.74 9.18 2.80
C LYS B 70 -1.24 7.95 3.53
N ILE B 71 -0.45 6.88 3.49
CA ILE B 71 -0.82 5.64 4.16
C ILE B 71 -0.58 5.75 5.65
N GLU B 72 -1.47 5.15 6.41
CA GLU B 72 -1.37 5.19 7.85
C GLU B 72 -1.13 3.80 8.41
N ASN B 73 -1.09 3.74 9.73
CA ASN B 73 -0.86 2.51 10.46
C ASN B 73 -1.80 1.39 9.99
N ALA B 74 -1.22 0.49 9.20
CA ALA B 74 -1.92 -0.67 8.73
C ALA B 74 -1.16 -1.92 9.11
N TRP B 75 -0.41 -2.48 8.15
CA TRP B 75 0.37 -3.69 8.39
C TRP B 75 1.01 -4.18 7.13
N THR B 76 1.84 -5.19 7.29
CA THR B 76 2.55 -5.78 6.18
C THR B 76 2.50 -7.30 6.28
N THR B 77 2.18 -7.91 5.16
CA THR B 77 2.09 -9.36 5.08
C THR B 77 2.93 -9.83 3.90
N ALA B 78 3.78 -10.83 4.13
CA ALA B 78 4.65 -11.32 3.07
C ALA B 78 4.02 -12.44 2.25
N PHE B 79 3.61 -12.12 1.02
CA PHE B 79 3.02 -13.08 0.13
C PHE B 79 4.05 -13.56 -0.89
N LYS B 80 4.21 -14.87 -0.97
CA LYS B 80 5.14 -15.50 -1.92
C LYS B 80 6.59 -15.07 -1.66
N GLY B 81 6.86 -14.51 -0.47
CA GLY B 81 8.22 -14.10 -0.14
C GLY B 81 8.43 -12.62 -0.30
N GLN B 82 7.47 -11.93 -0.91
CA GLN B 82 7.56 -10.48 -1.10
C GLN B 82 6.67 -9.79 -0.08
N VAL B 83 7.14 -8.67 0.46
CA VAL B 83 6.34 -7.93 1.44
C VAL B 83 5.17 -7.24 0.75
N GLN B 84 4.10 -7.01 1.49
CA GLN B 84 2.91 -6.38 0.94
C GLN B 84 2.29 -5.45 1.97
N LEU B 85 1.49 -4.50 1.50
CA LEU B 85 0.86 -3.53 2.38
C LEU B 85 -0.65 -3.56 2.21
N ASN B 86 -1.38 -3.23 3.28
CA ASN B 86 -2.84 -3.21 3.23
C ASN B 86 -3.38 -2.00 3.92
N ALA B 87 -4.69 -1.81 3.82
CA ALA B 87 -5.30 -0.72 4.55
C ALA B 87 -6.66 -1.13 5.07
N GLY B 88 -6.78 -1.14 6.39
CA GLY B 88 -8.03 -1.49 7.03
C GLY B 88 -8.61 -0.38 7.90
N SER B 89 -8.88 -0.72 9.16
CA SER B 89 -9.50 0.22 10.09
C SER B 89 -8.53 1.24 10.73
N LYS B 90 -7.46 0.78 11.42
CA LYS B 90 -6.52 1.73 12.07
C LYS B 90 -5.73 2.51 11.02
N THR B 91 -6.04 2.24 9.77
CA THR B 91 -5.39 2.90 8.66
C THR B 91 -6.32 3.96 8.08
N LYS B 92 -5.87 5.21 8.05
CA LYS B 92 -6.67 6.29 7.49
C LYS B 92 -5.98 6.84 6.26
N ILE B 93 -6.57 6.61 5.08
CA ILE B 93 -5.96 7.11 3.85
C ILE B 93 -6.54 8.46 3.45
N ALA B 94 -5.70 9.34 2.93
CA ALA B 94 -6.14 10.67 2.51
C ALA B 94 -5.11 11.33 1.61
N GLU B 95 -5.58 12.22 0.74
CA GLU B 95 -4.70 12.94 -0.18
C GLU B 95 -3.79 13.89 0.58
N ALA B 96 -2.51 13.89 0.23
CA ALA B 96 -1.53 14.75 0.88
C ALA B 96 -0.81 15.63 -0.14
N SER B 97 -0.61 16.89 0.21
CA SER B 97 0.07 17.83 -0.68
C SER B 97 1.44 18.19 -0.13
N GLU B 98 2.47 18.00 -0.94
CA GLU B 98 3.84 18.31 -0.54
C GLU B 98 4.53 19.18 -1.58
N ASP B 99 5.86 19.11 -1.63
CA ASP B 99 6.63 19.90 -2.59
C ASP B 99 6.64 19.23 -3.97
N GLY B 100 5.72 18.29 -4.17
CA GLY B 100 5.65 17.59 -5.44
C GLY B 100 6.24 16.20 -5.39
N PHE B 101 5.44 15.24 -4.93
CA PHE B 101 5.89 13.86 -4.82
C PHE B 101 6.29 13.31 -6.19
N PRO B 102 7.29 12.41 -6.25
CA PRO B 102 7.76 11.83 -7.51
C PRO B 102 6.62 11.24 -8.33
N GLU B 103 6.71 11.35 -9.65
CA GLU B 103 5.70 10.82 -10.55
C GLU B 103 5.77 9.30 -10.63
N SER B 104 4.69 8.68 -11.08
CA SER B 104 4.62 7.23 -11.21
C SER B 104 5.62 6.73 -12.25
N SER B 105 5.94 7.59 -13.22
CA SER B 105 6.88 7.22 -14.28
C SER B 105 8.32 7.41 -13.81
N GLN B 106 8.49 7.95 -12.60
CA GLN B 106 9.81 8.17 -12.04
C GLN B 106 9.94 7.48 -10.68
N ILE B 107 8.97 6.64 -10.36
CA ILE B 107 8.97 5.93 -9.10
C ILE B 107 9.57 4.52 -9.26
N PRO B 108 10.66 4.21 -8.51
CA PRO B 108 11.31 2.90 -8.58
C PRO B 108 10.33 1.75 -8.37
N GLU B 109 10.75 0.55 -8.73
CA GLU B 109 9.91 -0.64 -8.60
C GLU B 109 10.54 -1.66 -7.66
N ASN B 110 11.60 -1.24 -6.97
CA ASN B 110 12.30 -2.13 -6.04
C ASN B 110 11.34 -2.72 -5.02
N THR B 111 11.31 -4.05 -4.95
CA THR B 111 10.43 -4.74 -4.02
C THR B 111 11.13 -4.98 -2.68
N PRO B 112 10.65 -4.32 -1.60
CA PRO B 112 11.25 -4.47 -0.26
C PRO B 112 11.27 -5.92 0.21
N THR B 113 12.37 -6.31 0.84
CA THR B 113 12.52 -7.67 1.34
C THR B 113 13.46 -7.72 2.56
N ALA B 114 12.97 -8.27 3.66
CA ALA B 114 13.76 -8.36 4.88
C ALA B 114 14.96 -9.28 4.68
N ARG B 115 15.92 -9.20 5.61
CA ARG B 115 17.12 -10.03 5.54
C ARG B 115 16.89 -11.37 6.21
N ARG B 116 17.42 -12.43 5.61
CA ARG B 116 17.28 -13.78 6.15
C ARG B 116 18.63 -14.32 6.62
N ARG B 117 18.59 -15.18 7.64
CA ARG B 117 19.82 -15.76 8.17
C ARG B 117 20.29 -16.92 7.30
N MET B 1 6.54 10.23 12.00
CA MET B 1 6.02 8.91 12.45
C MET B 1 5.66 8.03 11.27
N GLU B 2 6.16 8.39 10.09
CA GLU B 2 5.89 7.63 8.88
C GLU B 2 7.19 7.09 8.28
N GLU B 3 7.20 5.79 8.00
CA GLU B 3 8.37 5.14 7.42
C GLU B 3 8.26 5.05 5.91
N LYS B 4 9.35 4.65 5.25
CA LYS B 4 9.39 4.51 3.81
C LYS B 4 9.14 3.07 3.38
N VAL B 5 9.02 2.86 2.07
CA VAL B 5 8.79 1.53 1.53
C VAL B 5 10.05 0.67 1.61
N GLY B 6 11.20 1.30 1.40
CA GLY B 6 12.46 0.58 1.45
C GLY B 6 12.91 0.29 2.87
N ASN B 7 12.09 0.65 3.84
CA ASN B 7 12.40 0.43 5.25
C ASN B 7 11.27 -0.29 5.96
N LEU B 8 10.20 -0.59 5.25
CA LEU B 8 9.06 -1.28 5.84
C LEU B 8 9.35 -2.76 6.01
N LYS B 9 8.62 -3.39 6.94
CA LYS B 9 8.77 -4.80 7.21
C LYS B 9 7.41 -5.45 7.44
N PRO B 10 7.28 -6.76 7.14
CA PRO B 10 6.01 -7.47 7.30
C PRO B 10 5.72 -7.84 8.76
N ASN B 11 4.48 -8.24 9.01
CA ASN B 11 4.04 -8.65 10.36
C ASN B 11 3.94 -7.47 11.31
N MET B 12 3.65 -6.29 10.77
CA MET B 12 3.52 -5.08 11.57
C MET B 12 2.06 -4.64 11.63
N GLU B 13 1.53 -4.50 12.83
CA GLU B 13 0.14 -4.08 13.00
C GLU B 13 0.01 -2.57 12.93
N SER B 14 1.04 -1.92 12.43
CA SER B 14 1.05 -0.47 12.29
C SER B 14 2.07 -0.03 11.24
N VAL B 15 1.58 0.57 10.16
CA VAL B 15 2.46 1.03 9.08
C VAL B 15 2.00 2.37 8.53
N ASN B 16 2.80 3.40 8.77
CA ASN B 16 2.50 4.74 8.28
C ASN B 16 3.46 5.10 7.15
N VAL B 17 2.93 5.53 6.02
CA VAL B 17 3.77 5.85 4.87
C VAL B 17 3.07 6.75 3.86
N THR B 18 3.85 7.53 3.13
CA THR B 18 3.34 8.42 2.10
C THR B 18 3.87 7.97 0.73
N VAL B 19 2.97 7.76 -0.22
CA VAL B 19 3.37 7.31 -1.55
C VAL B 19 2.44 7.85 -2.63
N ARG B 20 2.69 7.44 -3.87
CA ARG B 20 1.89 7.85 -5.01
C ARG B 20 1.25 6.64 -5.67
N VAL B 21 0.09 6.83 -6.28
CA VAL B 21 -0.61 5.74 -6.94
C VAL B 21 0.10 5.34 -8.23
N LEU B 22 0.39 4.06 -8.35
CA LEU B 22 1.05 3.53 -9.54
C LEU B 22 0.05 2.75 -10.40
N GLU B 23 -1.02 2.29 -9.75
CA GLU B 23 -2.06 1.53 -10.42
C GLU B 23 -3.32 1.48 -9.57
N ALA B 24 -4.42 1.05 -10.16
CA ALA B 24 -5.69 0.96 -9.44
C ALA B 24 -6.69 0.08 -10.18
N SER B 25 -7.24 -0.90 -9.47
CA SER B 25 -8.22 -1.81 -10.05
C SER B 25 -9.59 -1.62 -9.41
N GLU B 26 -10.63 -1.92 -10.16
CA GLU B 26 -12.00 -1.78 -9.66
C GLU B 26 -12.27 -2.75 -8.51
N ALA B 27 -13.17 -2.36 -7.65
CA ALA B 27 -13.47 -3.13 -6.46
C ALA B 27 -14.30 -4.38 -6.75
N ARG B 28 -13.79 -5.53 -6.27
CA ARG B 28 -14.41 -6.84 -6.49
C ARG B 28 -14.61 -7.61 -5.17
N GLN B 29 -15.54 -8.56 -5.18
CA GLN B 29 -15.85 -9.38 -4.02
C GLN B 29 -14.94 -10.61 -3.95
N ILE B 30 -14.52 -10.96 -2.74
CA ILE B 30 -13.67 -12.12 -2.53
C ILE B 30 -14.33 -13.04 -1.50
N GLN B 31 -13.93 -14.31 -1.49
CA GLN B 31 -14.49 -15.28 -0.57
C GLN B 31 -13.43 -15.74 0.44
N THR B 32 -13.63 -15.40 1.70
CA THR B 32 -12.70 -15.77 2.75
C THR B 32 -13.29 -16.83 3.66
N LYS B 33 -12.58 -17.13 4.75
CA LYS B 33 -13.04 -18.13 5.71
C LYS B 33 -14.03 -17.52 6.69
N ASN B 34 -14.19 -16.20 6.61
CA ASN B 34 -15.12 -15.49 7.48
C ASN B 34 -16.32 -14.96 6.71
N GLY B 35 -16.42 -15.36 5.44
CA GLY B 35 -17.53 -14.93 4.62
C GLY B 35 -17.08 -14.16 3.39
N VAL B 36 -17.93 -13.28 2.89
CA VAL B 36 -17.59 -12.51 1.70
C VAL B 36 -17.38 -11.02 2.03
N ARG B 37 -16.38 -10.44 1.38
CA ARG B 37 -16.00 -9.05 1.55
C ARG B 37 -15.67 -8.42 0.21
N THR B 38 -15.53 -7.11 0.20
CA THR B 38 -15.28 -6.39 -1.04
C THR B 38 -13.97 -5.66 -0.99
N ILE B 39 -13.02 -6.15 -1.73
CA ILE B 39 -11.71 -5.54 -1.73
C ILE B 39 -11.21 -5.29 -3.13
N SER B 40 -10.07 -4.65 -3.19
CA SER B 40 -9.45 -4.35 -4.46
C SER B 40 -7.96 -4.25 -4.30
N GLU B 41 -7.25 -4.23 -5.41
CA GLU B 41 -5.82 -4.14 -5.39
C GLU B 41 -5.34 -2.93 -6.17
N ALA B 42 -4.35 -2.23 -5.63
CA ALA B 42 -3.81 -1.05 -6.26
C ALA B 42 -2.33 -0.90 -5.96
N ILE B 43 -1.53 -0.67 -7.00
CA ILE B 43 -0.09 -0.51 -6.83
C ILE B 43 0.31 0.92 -6.49
N VAL B 44 1.12 1.04 -5.45
CA VAL B 44 1.69 2.31 -4.98
C VAL B 44 3.16 2.13 -4.77
N GLY B 45 3.79 3.24 -4.58
CA GLY B 45 5.17 3.26 -4.16
C GLY B 45 5.77 4.65 -4.14
N ASP B 46 6.98 4.76 -3.60
CA ASP B 46 7.67 6.04 -3.51
C ASP B 46 9.07 5.93 -4.10
N GLU B 47 9.91 6.92 -3.79
CA GLU B 47 11.28 6.94 -4.29
C GLU B 47 12.17 5.95 -3.53
N THR B 48 11.57 5.23 -2.58
CA THR B 48 12.32 4.26 -1.79
C THR B 48 12.00 2.82 -2.19
N GLY B 49 11.15 2.67 -3.21
CA GLY B 49 10.79 1.34 -3.66
C GLY B 49 9.35 1.25 -4.14
N ARG B 50 8.76 0.08 -3.94
CA ARG B 50 7.40 -0.18 -4.35
C ARG B 50 6.82 -1.34 -3.55
N VAL B 51 5.55 -1.22 -3.25
CA VAL B 51 4.83 -2.22 -2.49
C VAL B 51 3.36 -2.27 -2.91
N LYS B 52 2.85 -3.49 -3.11
CA LYS B 52 1.46 -3.69 -3.51
C LYS B 52 0.48 -3.30 -2.38
N LEU B 53 -0.52 -2.49 -2.71
CA LEU B 53 -1.52 -2.04 -1.74
C LEU B 53 -2.84 -2.78 -1.91
N THR B 54 -3.42 -3.16 -0.78
CA THR B 54 -4.68 -3.88 -0.74
C THR B 54 -5.70 -3.20 0.14
N LEU B 55 -6.71 -2.68 -0.47
CA LEU B 55 -7.78 -1.98 0.22
C LEU B 55 -8.80 -2.97 0.74
N TRP B 56 -9.54 -2.60 1.78
CA TRP B 56 -10.52 -3.51 2.38
C TRP B 56 -11.90 -2.90 2.60
N GLY B 57 -12.89 -3.56 2.01
CA GLY B 57 -14.29 -3.18 2.09
C GLY B 57 -14.63 -1.88 1.37
N LYS B 58 -14.66 -0.76 2.10
CA LYS B 58 -15.00 0.53 1.48
C LYS B 58 -13.81 1.19 0.80
N HIS B 59 -12.60 0.86 1.26
CA HIS B 59 -11.38 1.39 0.66
C HIS B 59 -11.17 0.79 -0.73
N ALA B 60 -11.79 -0.36 -0.96
CA ALA B 60 -11.69 -1.05 -2.23
C ALA B 60 -12.14 -0.17 -3.39
N GLY B 61 -11.25 0.03 -4.36
CA GLY B 61 -11.57 0.83 -5.53
C GLY B 61 -11.98 2.25 -5.17
N SER B 62 -11.85 2.60 -3.90
CA SER B 62 -12.22 3.94 -3.44
C SER B 62 -11.08 4.94 -3.66
N ILE B 63 -9.87 4.42 -3.85
CA ILE B 63 -8.71 5.28 -4.06
C ILE B 63 -8.70 5.86 -5.48
N LYS B 64 -7.77 6.78 -5.71
CA LYS B 64 -7.64 7.45 -6.99
C LYS B 64 -6.46 6.88 -7.78
N GLU B 65 -6.16 7.53 -8.90
CA GLU B 65 -5.06 7.13 -9.77
C GLU B 65 -3.81 7.87 -9.34
N GLY B 66 -2.73 7.73 -10.11
CA GLY B 66 -1.46 8.37 -9.72
C GLY B 66 -1.61 9.76 -9.15
N GLN B 67 -1.88 9.79 -7.84
CA GLN B 67 -2.03 11.02 -7.09
C GLN B 67 -1.30 10.88 -5.75
N VAL B 68 -1.00 12.00 -5.10
CA VAL B 68 -0.29 11.95 -3.82
C VAL B 68 -1.23 11.58 -2.67
N VAL B 69 -0.99 10.42 -2.08
CA VAL B 69 -1.82 9.95 -0.96
C VAL B 69 -0.96 9.76 0.28
N LYS B 70 -1.60 9.39 1.37
CA LYS B 70 -0.90 9.16 2.63
C LYS B 70 -1.47 7.96 3.35
N ILE B 71 -0.70 6.87 3.36
CA ILE B 71 -1.12 5.65 4.03
C ILE B 71 -0.96 5.78 5.53
N GLU B 72 -1.90 5.20 6.27
CA GLU B 72 -1.88 5.26 7.70
C GLU B 72 -1.70 3.88 8.30
N ASN B 73 -1.73 3.84 9.60
CA ASN B 73 -1.57 2.61 10.36
C ASN B 73 -2.50 1.51 9.88
N ALA B 74 -1.89 0.58 9.14
CA ALA B 74 -2.61 -0.56 8.65
C ALA B 74 -1.92 -1.83 9.10
N TRP B 75 -1.14 -2.44 8.21
CA TRP B 75 -0.40 -3.65 8.50
C TRP B 75 0.30 -4.16 7.28
N THR B 76 1.09 -5.18 7.48
CA THR B 76 1.84 -5.79 6.41
C THR B 76 1.74 -7.30 6.49
N THR B 77 1.46 -7.91 5.37
CA THR B 77 1.32 -9.35 5.30
C THR B 77 2.25 -9.90 4.21
N ALA B 78 3.03 -10.91 4.54
CA ALA B 78 3.97 -11.46 3.57
C ALA B 78 3.34 -12.57 2.73
N PHE B 79 3.07 -12.26 1.46
CA PHE B 79 2.51 -13.20 0.55
C PHE B 79 3.56 -13.69 -0.43
N LYS B 80 3.71 -15.01 -0.49
CA LYS B 80 4.67 -15.65 -1.41
C LYS B 80 6.12 -15.26 -1.09
N GLY B 81 6.36 -14.73 0.10
CA GLY B 81 7.70 -14.35 0.50
C GLY B 81 7.96 -12.86 0.35
N GLN B 82 7.05 -12.16 -0.32
CA GLN B 82 7.18 -10.72 -0.50
C GLN B 82 6.26 -10.01 0.47
N VAL B 83 6.68 -8.85 0.95
CA VAL B 83 5.85 -8.09 1.88
C VAL B 83 4.71 -7.41 1.14
N GLN B 84 3.61 -7.14 1.83
CA GLN B 84 2.46 -6.51 1.22
C GLN B 84 1.81 -5.55 2.19
N LEU B 85 1.07 -4.59 1.68
CA LEU B 85 0.41 -3.60 2.52
C LEU B 85 -1.08 -3.57 2.25
N ASN B 86 -1.86 -3.22 3.27
CA ASN B 86 -3.31 -3.16 3.14
C ASN B 86 -3.85 -1.93 3.78
N ALA B 87 -5.15 -1.70 3.61
CA ALA B 87 -5.77 -0.59 4.27
C ALA B 87 -7.16 -0.98 4.76
N GLY B 88 -7.34 -0.92 6.07
CA GLY B 88 -8.62 -1.25 6.65
C GLY B 88 -9.22 -0.13 7.47
N SER B 89 -9.58 -0.45 8.71
CA SER B 89 -10.22 0.52 9.60
C SER B 89 -9.27 1.52 10.29
N LYS B 90 -8.24 1.03 11.02
CA LYS B 90 -7.33 1.97 11.70
C LYS B 90 -6.46 2.71 10.70
N THR B 91 -6.71 2.44 9.43
CA THR B 91 -6.00 3.07 8.34
C THR B 91 -6.88 4.14 7.70
N LYS B 92 -6.38 5.36 7.64
CA LYS B 92 -7.13 6.45 7.03
C LYS B 92 -6.37 6.98 5.83
N ILE B 93 -6.89 6.75 4.62
CA ILE B 93 -6.21 7.21 3.43
C ILE B 93 -6.74 8.57 2.98
N ALA B 94 -5.86 9.43 2.48
CA ALA B 94 -6.25 10.75 2.02
C ALA B 94 -5.16 11.39 1.17
N GLU B 95 -5.57 12.26 0.26
CA GLU B 95 -4.63 12.95 -0.62
C GLU B 95 -3.74 13.90 0.17
N ALA B 96 -2.45 13.86 -0.11
CA ALA B 96 -1.49 14.72 0.58
C ALA B 96 -0.69 15.56 -0.41
N SER B 97 -0.49 16.83 -0.07
CA SER B 97 0.26 17.74 -0.94
C SER B 97 1.61 18.09 -0.31
N GLU B 98 2.68 17.86 -1.08
CA GLU B 98 4.02 18.15 -0.61
C GLU B 98 4.79 19.00 -1.63
N ASP B 99 6.11 18.89 -1.61
CA ASP B 99 6.95 19.66 -2.54
C ASP B 99 7.02 18.96 -3.90
N GLY B 100 6.10 18.04 -4.14
CA GLY B 100 6.07 17.33 -5.40
C GLY B 100 6.63 15.93 -5.29
N PHE B 101 5.79 14.98 -4.86
CA PHE B 101 6.20 13.60 -4.71
C PHE B 101 6.64 13.02 -6.06
N PRO B 102 7.65 12.11 -6.05
CA PRO B 102 8.16 11.49 -7.28
C PRO B 102 7.04 10.91 -8.14
N GLU B 103 7.22 11.00 -9.46
CA GLU B 103 6.24 10.48 -10.40
C GLU B 103 6.29 8.96 -10.46
N SER B 104 5.22 8.36 -10.96
CA SER B 104 5.13 6.90 -11.07
C SER B 104 6.17 6.36 -12.05
N SER B 105 6.55 7.20 -13.02
CA SER B 105 7.54 6.81 -14.01
C SER B 105 8.96 6.97 -13.48
N GLN B 106 9.08 7.52 -12.28
CA GLN B 106 10.37 7.73 -11.65
C GLN B 106 10.42 7.05 -10.28
N ILE B 107 9.40 6.25 -9.99
CA ILE B 107 9.33 5.54 -8.71
C ILE B 107 9.91 4.13 -8.83
N PRO B 108 10.95 3.81 -8.02
CA PRO B 108 11.57 2.48 -8.04
C PRO B 108 10.56 1.35 -7.87
N GLU B 109 10.98 0.13 -8.18
CA GLU B 109 10.11 -1.03 -8.08
C GLU B 109 10.68 -2.05 -7.11
N ASN B 110 11.70 -1.65 -6.36
CA ASN B 110 12.34 -2.53 -5.39
C ASN B 110 11.32 -3.09 -4.40
N THR B 111 11.25 -4.42 -4.32
CA THR B 111 10.31 -5.08 -3.43
C THR B 111 10.94 -5.30 -2.05
N PRO B 112 10.42 -4.62 -1.01
CA PRO B 112 10.95 -4.76 0.36
C PRO B 112 10.91 -6.21 0.85
N THR B 113 11.97 -6.61 1.55
CA THR B 113 12.06 -7.97 2.08
C THR B 113 12.94 -8.01 3.33
N ALA B 114 12.38 -8.53 4.41
CA ALA B 114 13.11 -8.63 5.68
C ALA B 114 14.29 -9.57 5.56
N ARG B 115 15.21 -9.50 6.53
CA ARG B 115 16.39 -10.35 6.53
C ARG B 115 16.11 -11.69 7.21
N ARG B 116 16.64 -12.75 6.65
CA ARG B 116 16.45 -14.09 7.20
C ARG B 116 17.76 -14.66 7.75
N ARG B 117 17.65 -15.49 8.77
CA ARG B 117 18.83 -16.10 9.38
C ARG B 117 19.33 -17.28 8.55
N MET B 1 6.36 10.35 12.06
CA MET B 1 5.86 9.03 12.51
C MET B 1 5.52 8.14 11.31
N GLU B 2 6.03 8.51 10.15
CA GLU B 2 5.80 7.75 8.93
C GLU B 2 7.10 7.22 8.34
N GLU B 3 7.15 5.92 8.06
CA GLU B 3 8.33 5.29 7.50
C GLU B 3 8.24 5.20 5.98
N LYS B 4 9.34 4.81 5.34
CA LYS B 4 9.40 4.69 3.89
C LYS B 4 9.18 3.24 3.47
N VAL B 5 9.08 3.02 2.15
CA VAL B 5 8.87 1.68 1.61
C VAL B 5 10.14 0.85 1.71
N GLY B 6 11.29 1.50 1.51
CA GLY B 6 12.56 0.79 1.58
C GLY B 6 13.00 0.50 3.00
N ASN B 7 12.14 0.86 3.97
CA ASN B 7 12.45 0.63 5.38
C ASN B 7 11.32 -0.10 6.08
N LEU B 8 10.26 -0.41 5.33
CA LEU B 8 9.12 -1.12 5.91
C LEU B 8 9.42 -2.60 6.10
N LYS B 9 8.69 -3.23 7.00
CA LYS B 9 8.86 -4.65 7.28
C LYS B 9 7.49 -5.31 7.49
N PRO B 10 7.39 -6.62 7.18
CA PRO B 10 6.13 -7.35 7.32
C PRO B 10 5.82 -7.72 8.77
N ASN B 11 4.58 -8.13 9.01
CA ASN B 11 4.14 -8.56 10.35
C ASN B 11 4.00 -7.37 11.30
N MET B 12 3.71 -6.20 10.75
CA MET B 12 3.54 -5.00 11.56
C MET B 12 2.08 -4.57 11.59
N GLU B 13 1.53 -4.45 12.79
CA GLU B 13 0.13 -4.05 12.96
C GLU B 13 -0.01 -2.54 12.88
N SER B 14 1.02 -1.86 12.38
CA SER B 14 1.01 -0.42 12.26
C SER B 14 2.04 0.03 11.23
N VAL B 15 1.56 0.63 10.13
CA VAL B 15 2.44 1.11 9.07
C VAL B 15 1.97 2.44 8.51
N ASN B 16 2.75 3.48 8.77
CA ASN B 16 2.45 4.82 8.27
C ASN B 16 3.42 5.19 7.16
N VAL B 17 2.90 5.61 6.02
CA VAL B 17 3.75 5.94 4.89
C VAL B 17 3.05 6.83 3.86
N THR B 18 3.85 7.63 3.14
CA THR B 18 3.33 8.52 2.10
C THR B 18 3.88 8.09 0.75
N VAL B 19 3.00 7.86 -0.22
CA VAL B 19 3.43 7.42 -1.55
C VAL B 19 2.50 7.94 -2.64
N ARG B 20 2.78 7.54 -3.87
CA ARG B 20 1.99 7.95 -5.02
C ARG B 20 1.38 6.72 -5.69
N VAL B 21 0.22 6.91 -6.32
CA VAL B 21 -0.45 5.81 -7.00
C VAL B 21 0.27 5.42 -8.28
N LEU B 22 0.59 4.13 -8.40
CA LEU B 22 1.27 3.61 -9.57
C LEU B 22 0.29 2.83 -10.45
N GLU B 23 -0.78 2.35 -9.81
CA GLU B 23 -1.80 1.58 -10.50
C GLU B 23 -3.07 1.52 -9.66
N ALA B 24 -4.16 1.07 -10.27
CA ALA B 24 -5.44 0.97 -9.57
C ALA B 24 -6.42 0.07 -10.33
N SER B 25 -6.96 -0.92 -9.62
CA SER B 25 -7.92 -1.85 -10.22
C SER B 25 -9.30 -1.66 -9.59
N GLU B 26 -10.33 -1.98 -10.36
CA GLU B 26 -11.70 -1.85 -9.88
C GLU B 26 -11.99 -2.83 -8.74
N ALA B 27 -12.91 -2.45 -7.90
CA ALA B 27 -13.23 -3.21 -6.71
C ALA B 27 -14.06 -4.47 -7.01
N ARG B 28 -13.56 -5.61 -6.53
CA ARG B 28 -14.16 -6.92 -6.76
C ARG B 28 -14.37 -7.70 -5.45
N GLN B 29 -15.29 -8.66 -5.47
CA GLN B 29 -15.59 -9.49 -4.31
C GLN B 29 -14.68 -10.72 -4.23
N ILE B 30 -14.24 -11.06 -3.02
CA ILE B 30 -13.40 -12.22 -2.81
C ILE B 30 -14.06 -13.14 -1.78
N GLN B 31 -13.64 -14.40 -1.75
CA GLN B 31 -14.20 -15.37 -0.82
C GLN B 31 -13.15 -15.81 0.20
N THR B 32 -13.40 -15.49 1.47
CA THR B 32 -12.48 -15.85 2.55
C THR B 32 -13.08 -16.89 3.47
N LYS B 33 -12.38 -17.16 4.57
CA LYS B 33 -12.83 -18.14 5.55
C LYS B 33 -13.85 -17.50 6.50
N ASN B 34 -13.99 -16.19 6.41
CA ASN B 34 -14.92 -15.46 7.26
C ASN B 34 -16.12 -14.96 6.47
N GLY B 35 -16.21 -15.38 5.21
CA GLY B 35 -17.32 -14.96 4.37
C GLY B 35 -16.86 -14.21 3.13
N VAL B 36 -17.71 -13.35 2.61
CA VAL B 36 -17.36 -12.58 1.42
C VAL B 36 -17.17 -11.09 1.73
N ARG B 37 -16.14 -10.54 1.12
CA ARG B 37 -15.75 -9.13 1.29
C ARG B 37 -15.43 -8.51 -0.06
N THR B 38 -15.31 -7.20 -0.08
CA THR B 38 -15.07 -6.48 -1.32
C THR B 38 -13.76 -5.75 -1.25
N ILE B 39 -12.79 -6.23 -1.98
CA ILE B 39 -11.50 -5.60 -1.97
C ILE B 39 -10.99 -5.33 -3.36
N SER B 40 -9.82 -4.73 -3.42
CA SER B 40 -9.20 -4.42 -4.67
C SER B 40 -7.71 -4.29 -4.48
N GLU B 41 -6.99 -4.24 -5.57
CA GLU B 41 -5.57 -4.12 -5.52
C GLU B 41 -5.10 -2.89 -6.30
N ALA B 42 -4.11 -2.20 -5.74
CA ALA B 42 -3.58 -1.00 -6.37
C ALA B 42 -2.10 -0.83 -6.05
N ILE B 43 -1.29 -0.60 -7.07
CA ILE B 43 0.14 -0.44 -6.90
C ILE B 43 0.52 1.00 -6.54
N VAL B 44 1.31 1.12 -5.49
CA VAL B 44 1.86 2.38 -5.00
C VAL B 44 3.33 2.22 -4.77
N GLY B 45 3.93 3.34 -4.57
CA GLY B 45 5.31 3.38 -4.14
C GLY B 45 5.89 4.78 -4.11
N ASP B 46 7.09 4.91 -3.54
CA ASP B 46 7.77 6.19 -3.44
C ASP B 46 9.17 6.10 -4.01
N GLU B 47 10.00 7.09 -3.70
CA GLU B 47 11.38 7.13 -4.18
C GLU B 47 12.26 6.16 -3.40
N THR B 48 11.66 5.43 -2.46
CA THR B 48 12.40 4.47 -1.65
C THR B 48 12.12 3.03 -2.06
N GLY B 49 11.28 2.87 -3.08
CA GLY B 49 10.94 1.53 -3.54
C GLY B 49 9.51 1.42 -4.03
N ARG B 50 8.94 0.23 -3.86
CA ARG B 50 7.60 -0.04 -4.30
C ARG B 50 7.02 -1.20 -3.52
N VAL B 51 5.74 -1.10 -3.23
CA VAL B 51 5.02 -2.11 -2.50
C VAL B 51 3.55 -2.19 -2.94
N LYS B 52 3.06 -3.41 -3.12
CA LYS B 52 1.67 -3.64 -3.54
C LYS B 52 0.68 -3.23 -2.43
N LEU B 53 -0.34 -2.45 -2.79
CA LEU B 53 -1.36 -2.00 -1.83
C LEU B 53 -2.68 -2.77 -2.02
N THR B 54 -3.25 -3.16 -0.91
CA THR B 54 -4.50 -3.91 -0.89
C THR B 54 -5.54 -3.23 -0.01
N LEU B 55 -6.55 -2.70 -0.64
CA LEU B 55 -7.62 -2.03 0.04
C LEU B 55 -8.63 -3.04 0.56
N TRP B 56 -9.41 -2.66 1.58
CA TRP B 56 -10.38 -3.59 2.16
C TRP B 56 -11.77 -2.99 2.35
N GLY B 57 -12.75 -3.66 1.73
CA GLY B 57 -14.16 -3.27 1.82
C GLY B 57 -14.49 -1.98 1.08
N LYS B 58 -14.57 -0.86 1.80
CA LYS B 58 -14.91 0.43 1.17
C LYS B 58 -13.71 1.09 0.51
N HIS B 59 -12.50 0.78 1.00
CA HIS B 59 -11.28 1.33 0.41
C HIS B 59 -11.05 0.73 -0.97
N ALA B 60 -11.65 -0.42 -1.21
CA ALA B 60 -11.51 -1.11 -2.49
C ALA B 60 -11.97 -0.24 -3.66
N GLY B 61 -11.05 -0.04 -4.60
CA GLY B 61 -11.36 0.77 -5.77
C GLY B 61 -11.80 2.19 -5.42
N SER B 62 -11.69 2.55 -4.15
CA SER B 62 -12.08 3.87 -3.69
C SER B 62 -10.96 4.88 -3.89
N ILE B 63 -9.74 4.39 -4.06
CA ILE B 63 -8.59 5.25 -4.26
C ILE B 63 -8.55 5.83 -5.67
N LYS B 64 -7.64 6.76 -5.88
CA LYS B 64 -7.48 7.43 -7.16
C LYS B 64 -6.28 6.88 -7.94
N GLU B 65 -5.98 7.53 -9.05
CA GLU B 65 -4.86 7.15 -9.90
C GLU B 65 -3.62 7.90 -9.45
N GLY B 66 -2.53 7.78 -10.20
CA GLY B 66 -1.28 8.42 -9.80
C GLY B 66 -1.45 9.82 -9.22
N GLN B 67 -1.74 9.85 -7.92
CA GLN B 67 -1.92 11.07 -7.16
C GLN B 67 -1.21 10.94 -5.82
N VAL B 68 -0.93 12.06 -5.15
CA VAL B 68 -0.25 12.02 -3.86
C VAL B 68 -1.20 11.64 -2.74
N VAL B 69 -0.96 10.48 -2.14
CA VAL B 69 -1.79 10.00 -1.04
C VAL B 69 -0.95 9.82 0.22
N LYS B 70 -1.61 9.43 1.30
CA LYS B 70 -0.93 9.23 2.57
C LYS B 70 -1.49 8.00 3.28
N ILE B 71 -0.71 6.93 3.31
CA ILE B 71 -1.14 5.70 3.96
C ILE B 71 -1.01 5.82 5.47
N GLU B 72 -1.95 5.24 6.19
CA GLU B 72 -1.95 5.30 7.62
C GLU B 72 -1.77 3.92 8.21
N ASN B 73 -1.81 3.89 9.53
CA ASN B 73 -1.65 2.66 10.29
C ASN B 73 -2.56 1.55 9.78
N ALA B 74 -1.93 0.61 9.05
CA ALA B 74 -2.63 -0.54 8.54
C ALA B 74 -1.93 -1.81 8.99
N TRP B 75 -1.14 -2.40 8.10
CA TRP B 75 -0.40 -3.62 8.40
C TRP B 75 0.33 -4.11 7.17
N THR B 76 1.15 -5.11 7.38
CA THR B 76 1.92 -5.71 6.31
C THR B 76 1.81 -7.22 6.37
N THR B 77 1.56 -7.82 5.22
CA THR B 77 1.42 -9.25 5.13
C THR B 77 2.35 -9.77 4.03
N ALA B 78 3.13 -10.79 4.34
CA ALA B 78 4.07 -11.32 3.37
C ALA B 78 3.45 -12.42 2.51
N PHE B 79 3.16 -12.08 1.25
CA PHE B 79 2.60 -13.01 0.32
C PHE B 79 3.67 -13.57 -0.59
N LYS B 80 3.83 -14.89 -0.58
CA LYS B 80 4.81 -15.59 -1.42
C LYS B 80 6.25 -15.19 -1.10
N GLY B 81 6.46 -14.62 0.09
CA GLY B 81 7.80 -14.23 0.49
C GLY B 81 8.07 -12.75 0.32
N GLN B 82 7.18 -12.05 -0.37
CA GLN B 82 7.34 -10.61 -0.56
C GLN B 82 6.40 -9.87 0.37
N VAL B 83 6.89 -8.78 0.97
CA VAL B 83 6.07 -8.00 1.89
C VAL B 83 4.99 -7.25 1.11
N GLN B 84 3.86 -6.98 1.77
CA GLN B 84 2.77 -6.29 1.11
C GLN B 84 2.11 -5.33 2.09
N LEU B 85 1.24 -4.46 1.58
CA LEU B 85 0.56 -3.47 2.41
C LEU B 85 -0.93 -3.49 2.13
N ASN B 86 -1.73 -3.16 3.15
CA ASN B 86 -3.19 -3.14 3.02
C ASN B 86 -3.76 -1.91 3.65
N ALA B 87 -5.05 -1.70 3.47
CA ALA B 87 -5.70 -0.60 4.14
C ALA B 87 -7.10 -0.98 4.59
N GLY B 88 -7.29 -0.97 5.90
CA GLY B 88 -8.59 -1.29 6.46
C GLY B 88 -9.22 -0.16 7.25
N SER B 89 -9.59 -0.46 8.49
CA SER B 89 -10.26 0.51 9.36
C SER B 89 -9.33 1.53 10.03
N LYS B 90 -8.32 1.06 10.80
CA LYS B 90 -7.40 2.01 11.49
C LYS B 90 -6.53 2.75 10.48
N THR B 91 -6.75 2.46 9.21
CA THR B 91 -6.03 3.08 8.14
C THR B 91 -6.89 4.14 7.46
N LYS B 92 -6.45 5.38 7.49
CA LYS B 92 -7.19 6.45 6.85
C LYS B 92 -6.42 6.98 5.66
N ILE B 93 -6.91 6.73 4.45
CA ILE B 93 -6.22 7.20 3.26
C ILE B 93 -6.76 8.55 2.79
N ALA B 94 -5.87 9.42 2.32
CA ALA B 94 -6.28 10.74 1.84
C ALA B 94 -5.18 11.39 1.02
N GLU B 95 -5.58 12.26 0.10
CA GLU B 95 -4.64 12.95 -0.77
C GLU B 95 -3.78 13.91 0.04
N ALA B 96 -2.48 13.89 -0.22
CA ALA B 96 -1.54 14.75 0.48
C ALA B 96 -0.74 15.61 -0.50
N SER B 97 -0.55 16.88 -0.15
CA SER B 97 0.19 17.80 -1.01
C SER B 97 1.54 18.17 -0.38
N GLU B 98 2.62 17.94 -1.11
CA GLU B 98 3.96 18.25 -0.63
C GLU B 98 4.72 19.11 -1.63
N ASP B 99 6.05 19.01 -1.60
CA ASP B 99 6.89 19.78 -2.51
C ASP B 99 6.99 19.09 -3.87
N GLY B 100 6.08 18.15 -4.13
CA GLY B 100 6.08 17.44 -5.39
C GLY B 100 6.65 16.04 -5.27
N PHE B 101 5.82 15.10 -4.85
CA PHE B 101 6.24 13.71 -4.70
C PHE B 101 6.72 13.15 -6.04
N PRO B 102 7.72 12.25 -6.01
CA PRO B 102 8.27 11.64 -7.24
C PRO B 102 7.18 11.03 -8.12
N GLU B 103 7.37 11.13 -9.43
CA GLU B 103 6.40 10.60 -10.38
C GLU B 103 6.47 9.08 -10.44
N SER B 104 5.42 8.46 -10.95
CA SER B 104 5.35 7.01 -11.07
C SER B 104 6.41 6.48 -12.03
N SER B 105 6.79 7.32 -12.98
CA SER B 105 7.80 6.94 -13.97
C SER B 105 9.21 7.12 -13.41
N GLN B 106 9.30 7.67 -12.21
CA GLN B 106 10.58 7.89 -11.55
C GLN B 106 10.62 7.22 -10.19
N ILE B 107 9.62 6.40 -9.92
CA ILE B 107 9.53 5.70 -8.64
C ILE B 107 10.13 4.29 -8.75
N PRO B 108 11.15 3.98 -7.92
CA PRO B 108 11.79 2.66 -7.93
C PRO B 108 10.79 1.52 -7.78
N GLU B 109 11.23 0.31 -8.09
CA GLU B 109 10.36 -0.87 -7.99
C GLU B 109 10.93 -1.88 -7.01
N ASN B 110 11.94 -1.46 -6.25
CA ASN B 110 12.57 -2.34 -5.26
C ASN B 110 11.53 -2.91 -4.29
N THR B 111 11.48 -4.23 -4.22
CA THR B 111 10.54 -4.92 -3.34
C THR B 111 11.15 -5.13 -1.95
N PRO B 112 10.61 -4.45 -0.91
CA PRO B 112 11.12 -4.59 0.46
C PRO B 112 11.09 -6.03 0.95
N THR B 113 12.14 -6.42 1.66
CA THR B 113 12.24 -7.78 2.20
C THR B 113 13.09 -7.81 3.46
N ALA B 114 12.52 -8.34 4.54
CA ALA B 114 13.24 -8.42 5.82
C ALA B 114 14.43 -9.36 5.72
N ARG B 115 15.33 -9.28 6.70
CA ARG B 115 16.53 -10.11 6.71
C ARG B 115 16.24 -11.44 7.40
N ARG B 116 16.80 -12.51 6.84
CA ARG B 116 16.60 -13.85 7.39
C ARG B 116 17.91 -14.40 7.95
N ARG B 117 17.81 -15.24 8.99
CA ARG B 117 18.99 -15.84 9.61
C ARG B 117 19.51 -17.00 8.79
N MET B 1 7.32 10.26 11.60
CA MET B 1 6.85 8.93 12.06
C MET B 1 6.43 8.06 10.89
N GLU B 2 6.85 8.44 9.69
CA GLU B 2 6.51 7.69 8.48
C GLU B 2 7.77 7.17 7.80
N GLU B 3 7.79 5.88 7.49
CA GLU B 3 8.93 5.26 6.83
C GLU B 3 8.72 5.19 5.32
N LYS B 4 9.77 4.81 4.60
CA LYS B 4 9.71 4.70 3.15
C LYS B 4 9.47 3.26 2.72
N VAL B 5 9.26 3.06 1.42
CA VAL B 5 9.02 1.73 0.88
C VAL B 5 10.30 0.89 0.87
N GLY B 6 11.43 1.55 0.59
CA GLY B 6 12.69 0.85 0.54
C GLY B 6 13.24 0.55 1.93
N ASN B 7 12.47 0.88 2.95
CA ASN B 7 12.89 0.65 4.33
C ASN B 7 11.82 -0.10 5.12
N LEU B 8 10.70 -0.41 4.46
CA LEU B 8 9.61 -1.12 5.11
C LEU B 8 9.94 -2.61 5.26
N LYS B 9 9.28 -3.25 6.21
CA LYS B 9 9.47 -4.67 6.46
C LYS B 9 8.13 -5.34 6.76
N PRO B 10 7.99 -6.65 6.46
CA PRO B 10 6.76 -7.39 6.69
C PRO B 10 6.57 -7.77 8.15
N ASN B 11 5.34 -8.19 8.49
CA ASN B 11 5.01 -8.63 9.85
C ASN B 11 4.95 -7.46 10.82
N MET B 12 4.61 -6.28 10.30
CA MET B 12 4.51 -5.09 11.14
C MET B 12 3.05 -4.68 11.29
N GLU B 13 2.59 -4.56 12.54
CA GLU B 13 1.21 -4.17 12.81
C GLU B 13 1.06 -2.65 12.76
N SER B 14 2.06 -1.98 12.20
CA SER B 14 2.03 -0.53 12.09
C SER B 14 2.97 -0.06 10.98
N VAL B 15 2.40 0.55 9.94
CA VAL B 15 3.20 1.03 8.82
C VAL B 15 2.68 2.38 8.30
N ASN B 16 3.48 3.42 8.52
CA ASN B 16 3.14 4.77 8.07
C ASN B 16 4.01 5.15 6.88
N VAL B 17 3.40 5.57 5.79
CA VAL B 17 4.16 5.93 4.60
C VAL B 17 3.38 6.83 3.64
N THR B 18 4.12 7.63 2.87
CA THR B 18 3.51 8.53 1.88
C THR B 18 3.96 8.11 0.49
N VAL B 19 3.00 7.90 -0.41
CA VAL B 19 3.33 7.47 -1.77
C VAL B 19 2.32 8.01 -2.78
N ARG B 20 2.50 7.62 -4.04
CA ARG B 20 1.61 8.03 -5.12
C ARG B 20 0.96 6.81 -5.75
N VAL B 21 -0.25 7.00 -6.29
CA VAL B 21 -0.97 5.91 -6.91
C VAL B 21 -0.34 5.53 -8.26
N LEU B 22 -0.03 4.25 -8.41
CA LEU B 22 0.55 3.75 -9.65
C LEU B 22 -0.49 2.98 -10.45
N GLU B 23 -1.51 2.48 -9.74
CA GLU B 23 -2.57 1.71 -10.36
C GLU B 23 -3.78 1.63 -9.42
N ALA B 24 -4.92 1.20 -9.94
CA ALA B 24 -6.13 1.08 -9.15
C ALA B 24 -7.16 0.19 -9.83
N SER B 25 -7.65 -0.81 -9.09
CA SER B 25 -8.64 -1.73 -9.63
C SER B 25 -9.97 -1.57 -8.90
N GLU B 26 -11.06 -1.88 -9.58
CA GLU B 26 -12.39 -1.76 -9.00
C GLU B 26 -12.58 -2.75 -7.85
N ALA B 27 -13.42 -2.37 -6.92
CA ALA B 27 -13.65 -3.15 -5.73
C ALA B 27 -14.50 -4.40 -5.98
N ARG B 28 -13.93 -5.55 -5.60
CA ARG B 28 -14.57 -6.85 -5.80
C ARG B 28 -14.61 -7.68 -4.51
N GLN B 29 -15.53 -8.64 -4.46
CA GLN B 29 -15.71 -9.51 -3.31
C GLN B 29 -14.77 -10.72 -3.35
N ILE B 30 -14.25 -11.10 -2.19
CA ILE B 30 -13.38 -12.24 -2.08
C ILE B 30 -13.96 -13.24 -1.07
N GLN B 31 -13.50 -14.47 -1.12
CA GLN B 31 -13.98 -15.51 -0.21
C GLN B 31 -12.86 -15.97 0.73
N THR B 32 -13.02 -15.66 2.00
CA THR B 32 -12.02 -16.05 3.01
C THR B 32 -12.55 -17.15 3.91
N LYS B 33 -11.77 -17.47 4.95
CA LYS B 33 -12.13 -18.50 5.90
C LYS B 33 -13.08 -17.95 6.95
N ASN B 34 -13.26 -16.62 6.94
CA ASN B 34 -14.14 -15.96 7.89
C ASN B 34 -15.41 -15.45 7.21
N GLY B 35 -15.57 -15.81 5.95
CA GLY B 35 -16.74 -15.37 5.20
C GLY B 35 -16.39 -14.58 3.96
N VAL B 36 -17.24 -13.64 3.59
CA VAL B 36 -16.99 -12.82 2.41
C VAL B 36 -16.80 -11.34 2.77
N ARG B 37 -15.85 -10.73 2.08
CA ARG B 37 -15.48 -9.33 2.27
C ARG B 37 -15.25 -8.66 0.93
N THR B 38 -15.14 -7.34 0.93
CA THR B 38 -14.99 -6.60 -0.30
C THR B 38 -13.70 -5.85 -0.32
N ILE B 39 -12.78 -6.31 -1.13
CA ILE B 39 -11.50 -5.68 -1.20
C ILE B 39 -11.11 -5.37 -2.63
N SER B 40 -9.96 -4.76 -2.77
CA SER B 40 -9.44 -4.42 -4.06
C SER B 40 -7.93 -4.29 -3.99
N GLU B 41 -7.31 -4.24 -5.15
CA GLU B 41 -5.88 -4.14 -5.21
C GLU B 41 -5.47 -2.91 -6.01
N ALA B 42 -4.49 -2.17 -5.49
CA ALA B 42 -4.01 -0.96 -6.13
C ALA B 42 -2.51 -0.80 -5.92
N ILE B 43 -1.78 -0.55 -7.01
CA ILE B 43 -0.34 -0.38 -6.94
C ILE B 43 0.06 1.06 -6.59
N VAL B 44 0.94 1.19 -5.62
CA VAL B 44 1.53 2.45 -5.16
C VAL B 44 3.00 2.31 -5.04
N GLY B 45 3.61 3.43 -4.89
CA GLY B 45 5.02 3.47 -4.55
C GLY B 45 5.59 4.88 -4.56
N ASP B 46 6.83 5.00 -4.08
CA ASP B 46 7.50 6.29 -4.02
C ASP B 46 8.86 6.22 -4.69
N GLU B 47 9.70 7.21 -4.42
CA GLU B 47 11.04 7.26 -5.01
C GLU B 47 11.99 6.29 -4.31
N THR B 48 11.46 5.54 -3.34
CA THR B 48 12.27 4.58 -2.60
C THR B 48 11.95 3.15 -3.00
N GLY B 49 11.04 2.98 -3.96
CA GLY B 49 10.68 1.65 -4.42
C GLY B 49 9.23 1.53 -4.80
N ARG B 50 8.67 0.35 -4.60
CA ARG B 50 7.30 0.07 -4.94
C ARG B 50 6.78 -1.11 -4.11
N VAL B 51 5.54 -1.00 -3.73
CA VAL B 51 4.88 -2.02 -2.95
C VAL B 51 3.38 -2.12 -3.28
N LYS B 52 2.89 -3.33 -3.46
CA LYS B 52 1.48 -3.57 -3.78
C LYS B 52 0.58 -3.22 -2.58
N LEU B 53 -0.46 -2.42 -2.83
CA LEU B 53 -1.40 -2.00 -1.78
C LEU B 53 -2.70 -2.79 -1.87
N THR B 54 -3.21 -3.17 -0.71
CA THR B 54 -4.44 -3.94 -0.59
C THR B 54 -5.43 -3.26 0.35
N LEU B 55 -6.49 -2.76 -0.21
CA LEU B 55 -7.52 -2.10 0.55
C LEU B 55 -8.49 -3.12 1.12
N TRP B 56 -9.15 -2.79 2.23
CA TRP B 56 -10.05 -3.73 2.86
C TRP B 56 -11.44 -3.14 3.20
N GLY B 57 -12.45 -3.79 2.63
CA GLY B 57 -13.86 -3.42 2.81
C GLY B 57 -14.26 -2.11 2.14
N LYS B 58 -14.28 -1.01 2.88
CA LYS B 58 -14.69 0.28 2.29
C LYS B 58 -13.55 0.98 1.55
N HIS B 59 -12.30 0.68 1.94
CA HIS B 59 -11.13 1.23 1.26
C HIS B 59 -11.01 0.66 -0.14
N ALA B 60 -11.62 -0.49 -0.35
CA ALA B 60 -11.58 -1.17 -1.64
C ALA B 60 -12.12 -0.28 -2.76
N GLY B 61 -11.29 -0.06 -3.77
CA GLY B 61 -11.70 0.77 -4.90
C GLY B 61 -12.11 2.16 -4.50
N SER B 62 -11.91 2.51 -3.23
CA SER B 62 -12.28 3.83 -2.73
C SER B 62 -11.18 4.86 -3.01
N ILE B 63 -9.97 4.37 -3.28
CA ILE B 63 -8.84 5.25 -3.56
C ILE B 63 -8.93 5.84 -4.95
N LYS B 64 -8.03 6.79 -5.22
CA LYS B 64 -7.98 7.47 -6.50
C LYS B 64 -6.84 6.94 -7.36
N GLU B 65 -6.63 7.62 -8.49
CA GLU B 65 -5.58 7.25 -9.44
C GLU B 65 -4.32 8.01 -9.07
N GLY B 66 -3.29 7.91 -9.90
CA GLY B 66 -2.01 8.55 -9.59
C GLY B 66 -2.15 9.94 -8.99
N GLN B 67 -2.34 9.94 -7.66
CA GLN B 67 -2.47 11.16 -6.88
C GLN B 67 -1.65 11.02 -5.59
N VAL B 68 -1.33 12.13 -4.95
CA VAL B 68 -0.56 12.08 -3.72
C VAL B 68 -1.41 11.68 -2.52
N VAL B 69 -1.12 10.51 -1.96
CA VAL B 69 -1.85 10.00 -0.80
C VAL B 69 -0.92 9.82 0.38
N LYS B 70 -1.49 9.42 1.51
CA LYS B 70 -0.72 9.19 2.72
C LYS B 70 -1.21 7.95 3.45
N ILE B 71 -0.42 6.89 3.40
CA ILE B 71 -0.78 5.65 4.07
C ILE B 71 -0.53 5.76 5.56
N GLU B 72 -1.41 5.16 6.34
CA GLU B 72 -1.30 5.20 7.78
C GLU B 72 -1.06 3.81 8.33
N ASN B 73 -1.00 3.75 9.64
CA ASN B 73 -0.78 2.52 10.38
C ASN B 73 -1.71 1.40 9.93
N ALA B 74 -1.15 0.50 9.14
CA ALA B 74 -1.87 -0.64 8.66
C ALA B 74 -1.11 -1.90 9.06
N TRP B 75 -0.39 -2.47 8.09
CA TRP B 75 0.38 -3.68 8.33
C TRP B 75 1.02 -4.16 7.06
N THR B 76 1.84 -5.17 7.22
CA THR B 76 2.53 -5.77 6.11
C THR B 76 2.51 -7.27 6.24
N THR B 77 2.20 -7.93 5.16
CA THR B 77 2.15 -9.37 5.14
C THR B 77 2.95 -9.88 3.94
N ALA B 78 3.85 -10.82 4.16
CA ALA B 78 4.69 -11.33 3.09
C ALA B 78 4.04 -12.47 2.32
N PHE B 79 3.61 -12.18 1.10
CA PHE B 79 3.00 -13.16 0.26
C PHE B 79 4.00 -13.73 -0.73
N LYS B 80 4.18 -15.04 -0.68
CA LYS B 80 5.12 -15.75 -1.57
C LYS B 80 6.56 -15.27 -1.40
N GLY B 81 6.86 -14.64 -0.26
CA GLY B 81 8.20 -14.18 0.01
C GLY B 81 8.39 -12.69 -0.23
N GLN B 82 7.42 -12.06 -0.88
CA GLN B 82 7.50 -10.62 -1.14
C GLN B 82 6.62 -9.88 -0.15
N VAL B 83 7.12 -8.76 0.38
CA VAL B 83 6.34 -7.98 1.34
C VAL B 83 5.17 -7.28 0.65
N GLN B 84 4.11 -7.01 1.41
CA GLN B 84 2.94 -6.36 0.85
C GLN B 84 2.34 -5.42 1.88
N LEU B 85 1.50 -4.50 1.42
CA LEU B 85 0.87 -3.53 2.31
C LEU B 85 -0.64 -3.56 2.14
N ASN B 86 -1.36 -3.24 3.22
CA ASN B 86 -2.83 -3.23 3.18
C ASN B 86 -3.37 -2.03 3.87
N ALA B 87 -4.67 -1.83 3.78
CA ALA B 87 -5.30 -0.75 4.49
C ALA B 87 -6.64 -1.16 5.05
N GLY B 88 -6.75 -1.10 6.37
CA GLY B 88 -7.99 -1.45 7.03
C GLY B 88 -8.55 -0.35 7.91
N SER B 89 -8.82 -0.69 9.17
CA SER B 89 -9.43 0.23 10.11
C SER B 89 -8.46 1.25 10.75
N LYS B 90 -7.37 0.79 11.43
CA LYS B 90 -6.44 1.74 12.07
C LYS B 90 -5.66 2.52 11.02
N THR B 91 -5.96 2.23 9.77
CA THR B 91 -5.34 2.89 8.64
C THR B 91 -6.28 3.96 8.09
N LYS B 92 -5.79 5.17 7.98
CA LYS B 92 -6.59 6.27 7.44
C LYS B 92 -5.92 6.84 6.20
N ILE B 93 -6.52 6.61 5.04
CA ILE B 93 -5.92 7.11 3.80
C ILE B 93 -6.51 8.46 3.41
N ALA B 94 -5.66 9.34 2.88
CA ALA B 94 -6.10 10.66 2.47
C ALA B 94 -5.08 11.33 1.57
N GLU B 95 -5.56 12.21 0.70
CA GLU B 95 -4.69 12.94 -0.23
C GLU B 95 -3.77 13.89 0.53
N ALA B 96 -2.49 13.87 0.16
CA ALA B 96 -1.50 14.74 0.80
C ALA B 96 -0.78 15.62 -0.22
N SER B 97 -0.58 16.88 0.12
CA SER B 97 0.10 17.82 -0.77
C SER B 97 1.49 18.18 -0.23
N GLU B 98 2.51 17.97 -1.05
CA GLU B 98 3.88 18.28 -0.66
C GLU B 98 4.56 19.16 -1.72
N ASP B 99 5.88 19.08 -1.79
CA ASP B 99 6.65 19.86 -2.75
C ASP B 99 6.64 19.20 -4.13
N GLY B 100 5.72 18.27 -4.32
CA GLY B 100 5.62 17.57 -5.60
C GLY B 100 6.21 16.17 -5.54
N PHE B 101 5.41 15.21 -5.08
CA PHE B 101 5.86 13.83 -4.98
C PHE B 101 6.23 13.29 -6.36
N PRO B 102 7.24 12.39 -6.43
CA PRO B 102 7.69 11.80 -7.70
C PRO B 102 6.53 11.21 -8.51
N GLU B 103 6.62 11.34 -9.83
CA GLU B 103 5.58 10.81 -10.72
C GLU B 103 5.66 9.30 -10.81
N SER B 104 4.56 8.68 -11.24
CA SER B 104 4.50 7.23 -11.37
C SER B 104 5.48 6.73 -12.43
N SER B 105 5.79 7.58 -13.40
CA SER B 105 6.72 7.23 -14.47
C SER B 105 8.16 7.39 -14.01
N GLN B 106 8.34 7.94 -12.81
CA GLN B 106 9.67 8.16 -12.26
C GLN B 106 9.82 7.46 -10.91
N ILE B 107 8.84 6.63 -10.57
CA ILE B 107 8.86 5.90 -9.32
C ILE B 107 9.46 4.50 -9.49
N PRO B 108 10.54 4.18 -8.76
CA PRO B 108 11.19 2.86 -8.84
C PRO B 108 10.21 1.72 -8.62
N GLU B 109 10.61 0.51 -8.98
CA GLU B 109 9.77 -0.67 -8.84
C GLU B 109 10.42 -1.70 -7.92
N ASN B 110 11.48 -1.28 -7.24
CA ASN B 110 12.20 -2.17 -6.32
C ASN B 110 11.24 -2.77 -5.29
N THR B 111 11.20 -4.10 -5.23
CA THR B 111 10.33 -4.79 -4.29
C THR B 111 11.05 -5.03 -2.95
N PRO B 112 10.59 -4.38 -1.87
CA PRO B 112 11.19 -4.53 -0.54
C PRO B 112 11.22 -5.98 -0.07
N THR B 113 12.32 -6.38 0.55
CA THR B 113 12.47 -7.74 1.04
C THR B 113 13.42 -7.79 2.24
N ALA B 114 12.94 -8.34 3.35
CA ALA B 114 13.75 -8.44 4.57
C ALA B 114 14.94 -9.36 4.35
N ARG B 115 15.91 -9.29 5.27
CA ARG B 115 17.11 -10.12 5.17
C ARG B 115 16.88 -11.48 5.86
N ARG B 116 17.41 -12.53 5.24
CA ARG B 116 17.26 -13.88 5.78
C ARG B 116 18.61 -14.43 6.23
N ARG B 117 18.59 -15.28 7.25
CA ARG B 117 19.82 -15.88 7.77
C ARG B 117 20.27 -17.04 6.88
N MET B 1 6.77 9.96 12.09
CA MET B 1 6.29 8.62 12.52
C MET B 1 5.92 7.76 11.32
N GLU B 2 6.39 8.16 10.14
CA GLU B 2 6.12 7.43 8.91
C GLU B 2 7.40 6.93 8.27
N GLU B 3 7.44 5.64 7.95
CA GLU B 3 8.61 5.03 7.33
C GLU B 3 8.47 4.98 5.81
N LYS B 4 9.55 4.62 5.12
CA LYS B 4 9.55 4.53 3.67
C LYS B 4 9.33 3.10 3.21
N VAL B 5 9.19 2.92 1.91
CA VAL B 5 8.97 1.59 1.33
C VAL B 5 10.25 0.77 1.36
N GLY B 6 11.38 1.42 1.14
CA GLY B 6 12.66 0.73 1.14
C GLY B 6 13.15 0.42 2.54
N ASN B 7 12.33 0.73 3.54
CA ASN B 7 12.69 0.48 4.94
C ASN B 7 11.59 -0.29 5.66
N LEU B 8 10.52 -0.60 4.95
CA LEU B 8 9.39 -1.33 5.54
C LEU B 8 9.72 -2.81 5.68
N LYS B 9 9.02 -3.47 6.60
CA LYS B 9 9.22 -4.89 6.83
C LYS B 9 7.87 -5.57 7.06
N PRO B 10 7.76 -6.87 6.73
CA PRO B 10 6.51 -7.62 6.91
C PRO B 10 6.26 -8.03 8.35
N ASN B 11 5.03 -8.46 8.63
CA ASN B 11 4.64 -8.92 9.97
C ASN B 11 4.53 -7.76 10.96
N MET B 12 4.21 -6.58 10.44
CA MET B 12 4.06 -5.40 11.29
C MET B 12 2.60 -5.00 11.39
N GLU B 13 2.09 -4.89 12.61
CA GLU B 13 0.70 -4.52 12.83
C GLU B 13 0.53 -3.01 12.80
N SER B 14 1.55 -2.31 12.28
CA SER B 14 1.52 -0.85 12.20
C SER B 14 2.51 -0.37 11.14
N VAL B 15 1.99 0.24 10.08
CA VAL B 15 2.82 0.75 9.01
C VAL B 15 2.33 2.10 8.49
N ASN B 16 3.11 3.15 8.75
CA ASN B 16 2.77 4.49 8.31
C ASN B 16 3.70 4.89 7.17
N VAL B 17 3.13 5.34 6.06
CA VAL B 17 3.94 5.71 4.90
C VAL B 17 3.20 6.62 3.93
N THR B 18 3.96 7.44 3.21
CA THR B 18 3.40 8.35 2.21
C THR B 18 3.91 7.96 0.83
N VAL B 19 2.98 7.76 -0.12
CA VAL B 19 3.36 7.35 -1.47
C VAL B 19 2.40 7.90 -2.51
N ARG B 20 2.63 7.53 -3.76
CA ARG B 20 1.79 7.95 -4.87
C ARG B 20 1.18 6.75 -5.55
N VAL B 21 0.00 6.93 -6.14
CA VAL B 21 -0.70 5.84 -6.81
C VAL B 21 -0.02 5.49 -8.13
N LEU B 22 0.31 4.22 -8.30
CA LEU B 22 0.95 3.74 -9.51
C LEU B 22 -0.05 2.97 -10.36
N GLU B 23 -1.09 2.47 -9.71
CA GLU B 23 -2.14 1.70 -10.38
C GLU B 23 -3.38 1.61 -9.50
N ALA B 24 -4.49 1.16 -10.08
CA ALA B 24 -5.73 1.03 -9.34
C ALA B 24 -6.73 0.14 -10.08
N SER B 25 -7.24 -0.86 -9.38
CA SER B 25 -8.21 -1.78 -9.97
C SER B 25 -9.57 -1.63 -9.29
N GLU B 26 -10.63 -1.95 -10.02
CA GLU B 26 -11.99 -1.84 -9.50
C GLU B 26 -12.21 -2.84 -8.37
N ALA B 27 -13.10 -2.48 -7.47
CA ALA B 27 -13.37 -3.28 -6.29
C ALA B 27 -14.20 -4.53 -6.61
N ARG B 28 -13.65 -5.68 -6.19
CA ARG B 28 -14.26 -6.99 -6.45
C ARG B 28 -14.41 -7.81 -5.15
N GLN B 29 -15.30 -8.80 -5.20
CA GLN B 29 -15.56 -9.68 -4.06
C GLN B 29 -14.63 -10.89 -4.05
N ILE B 30 -14.15 -11.24 -2.87
CA ILE B 30 -13.28 -12.40 -2.71
C ILE B 30 -13.89 -13.36 -1.69
N GLN B 31 -13.48 -14.62 -1.72
CA GLN B 31 -13.99 -15.63 -0.81
C GLN B 31 -12.92 -16.10 0.15
N THR B 32 -13.12 -15.82 1.44
CA THR B 32 -12.16 -16.22 2.47
C THR B 32 -12.72 -17.31 3.37
N LYS B 33 -12.01 -17.61 4.44
CA LYS B 33 -12.41 -18.63 5.39
C LYS B 33 -13.42 -18.06 6.39
N ASN B 34 -13.60 -16.75 6.34
CA ASN B 34 -14.53 -16.07 7.25
C ASN B 34 -15.75 -15.55 6.49
N GLY B 35 -15.85 -15.92 5.22
CA GLY B 35 -16.98 -15.48 4.41
C GLY B 35 -16.55 -14.67 3.22
N VAL B 36 -17.44 -13.81 2.73
CA VAL B 36 -17.13 -12.99 1.57
C VAL B 36 -16.93 -11.51 1.94
N ARG B 37 -15.94 -10.90 1.31
CA ARG B 37 -15.58 -9.51 1.52
C ARG B 37 -15.31 -8.82 0.19
N THR B 38 -15.21 -7.50 0.21
CA THR B 38 -15.02 -6.74 -1.01
C THR B 38 -13.73 -5.98 -0.95
N ILE B 39 -12.77 -6.44 -1.71
CA ILE B 39 -11.48 -5.80 -1.71
C ILE B 39 -10.99 -5.51 -3.11
N SER B 40 -9.84 -4.87 -3.17
CA SER B 40 -9.25 -4.52 -4.44
C SER B 40 -7.75 -4.38 -4.28
N GLU B 41 -7.06 -4.32 -5.39
CA GLU B 41 -5.63 -4.19 -5.36
C GLU B 41 -5.18 -3.00 -6.19
N ALA B 42 -4.28 -2.22 -5.63
CA ALA B 42 -3.76 -1.02 -6.28
C ALA B 42 -2.28 -0.85 -6.02
N ILE B 43 -1.51 -0.66 -7.09
CA ILE B 43 -0.07 -0.49 -6.97
C ILE B 43 0.29 0.94 -6.58
N VAL B 44 1.18 1.08 -5.61
CA VAL B 44 1.67 2.36 -5.13
C VAL B 44 3.16 2.24 -4.86
N GLY B 45 3.78 3.36 -4.64
CA GLY B 45 5.17 3.40 -4.25
C GLY B 45 5.74 4.81 -4.21
N ASP B 46 6.95 4.94 -3.68
CA ASP B 46 7.62 6.23 -3.58
C ASP B 46 9.01 6.17 -4.19
N GLU B 47 9.84 7.16 -3.87
CA GLU B 47 11.19 7.22 -4.41
C GLU B 47 12.12 6.24 -3.68
N THR B 48 11.56 5.48 -2.74
CA THR B 48 12.34 4.51 -1.98
C THR B 48 12.05 3.08 -2.41
N GLY B 49 11.18 2.92 -3.42
CA GLY B 49 10.84 1.60 -3.90
C GLY B 49 9.40 1.49 -4.35
N ARG B 50 8.84 0.29 -4.18
CA ARG B 50 7.48 0.02 -4.59
C ARG B 50 6.94 -1.16 -3.81
N VAL B 51 5.67 -1.06 -3.47
CA VAL B 51 4.99 -2.09 -2.72
C VAL B 51 3.50 -2.17 -3.11
N LYS B 52 3.02 -3.39 -3.34
CA LYS B 52 1.62 -3.63 -3.69
C LYS B 52 0.67 -3.28 -2.54
N LEU B 53 -0.38 -2.51 -2.83
CA LEU B 53 -1.36 -2.11 -1.83
C LEU B 53 -2.67 -2.89 -1.99
N THR B 54 -3.21 -3.35 -0.87
CA THR B 54 -4.44 -4.11 -0.82
C THR B 54 -5.45 -3.46 0.11
N LEU B 55 -6.48 -2.91 -0.48
CA LEU B 55 -7.54 -2.25 0.26
C LEU B 55 -8.53 -3.29 0.77
N TRP B 56 -9.28 -2.94 1.83
CA TRP B 56 -10.23 -3.88 2.41
C TRP B 56 -11.61 -3.29 2.65
N GLY B 57 -12.60 -3.96 2.08
CA GLY B 57 -14.01 -3.60 2.21
C GLY B 57 -14.38 -2.27 1.54
N LYS B 58 -14.42 -1.18 2.31
CA LYS B 58 -14.79 0.13 1.75
C LYS B 58 -13.63 0.83 1.08
N HIS B 59 -12.40 0.51 1.48
CA HIS B 59 -11.20 1.08 0.88
C HIS B 59 -11.01 0.53 -0.53
N ALA B 60 -11.62 -0.63 -0.79
CA ALA B 60 -11.53 -1.28 -2.08
C ALA B 60 -12.02 -0.38 -3.21
N GLY B 61 -11.15 -0.14 -4.18
CA GLY B 61 -11.51 0.70 -5.32
C GLY B 61 -11.94 2.09 -4.91
N SER B 62 -11.78 2.42 -3.63
CA SER B 62 -12.18 3.73 -3.12
C SER B 62 -11.07 4.75 -3.35
N ILE B 63 -9.85 4.27 -3.57
CA ILE B 63 -8.71 5.16 -3.78
C ILE B 63 -8.73 5.77 -5.18
N LYS B 64 -7.83 6.72 -5.39
CA LYS B 64 -7.72 7.42 -6.66
C LYS B 64 -6.56 6.91 -7.49
N GLU B 65 -6.29 7.59 -8.60
CA GLU B 65 -5.21 7.24 -9.50
C GLU B 65 -3.96 7.99 -9.07
N GLY B 66 -2.89 7.91 -9.86
CA GLY B 66 -1.63 8.54 -9.49
C GLY B 66 -1.80 9.91 -8.87
N GLN B 67 -2.03 9.90 -7.55
CA GLN B 67 -2.21 11.11 -6.76
C GLN B 67 -1.45 10.95 -5.45
N VAL B 68 -1.14 12.05 -4.77
CA VAL B 68 -0.42 11.98 -3.51
C VAL B 68 -1.33 11.56 -2.35
N VAL B 69 -1.06 10.39 -1.80
CA VAL B 69 -1.84 9.87 -0.68
C VAL B 69 -0.96 9.66 0.54
N LYS B 70 -1.57 9.23 1.64
CA LYS B 70 -0.84 9.00 2.88
C LYS B 70 -1.37 7.75 3.56
N ILE B 71 -0.58 6.68 3.54
CA ILE B 71 -0.98 5.44 4.17
C ILE B 71 -0.79 5.53 5.68
N GLU B 72 -1.70 4.91 6.41
CA GLU B 72 -1.65 4.93 7.85
C GLU B 72 -1.43 3.54 8.39
N ASN B 73 -1.43 3.45 9.70
CA ASN B 73 -1.24 2.22 10.43
C ASN B 73 -2.15 1.11 9.92
N ALA B 74 -1.55 0.22 9.14
CA ALA B 74 -2.25 -0.93 8.62
C ALA B 74 -1.53 -2.20 9.02
N TRP B 75 -0.76 -2.76 8.08
CA TRP B 75 0.01 -3.97 8.33
C TRP B 75 0.70 -4.43 7.07
N THR B 76 1.54 -5.42 7.24
CA THR B 76 2.27 -5.99 6.14
C THR B 76 2.25 -7.50 6.22
N THR B 77 1.97 -8.11 5.08
CA THR B 77 1.90 -9.55 4.99
C THR B 77 2.73 -10.01 3.80
N ALA B 78 3.61 -10.99 4.02
CA ALA B 78 4.47 -11.47 2.95
C ALA B 78 3.84 -12.57 2.12
N PHE B 79 3.44 -12.22 0.90
CA PHE B 79 2.85 -13.17 -0.01
C PHE B 79 3.90 -13.69 -0.98
N LYS B 80 4.06 -15.02 -1.01
CA LYS B 80 5.01 -15.68 -1.91
C LYS B 80 6.45 -15.26 -1.63
N GLY B 81 6.70 -14.69 -0.45
CA GLY B 81 8.05 -14.29 -0.08
C GLY B 81 8.29 -12.80 -0.24
N GLN B 82 7.36 -12.09 -0.89
CA GLN B 82 7.49 -10.65 -1.06
C GLN B 82 6.59 -9.94 -0.07
N VAL B 83 7.07 -8.86 0.51
CA VAL B 83 6.27 -8.11 1.47
C VAL B 83 5.14 -7.37 0.76
N GLN B 84 4.05 -7.11 1.47
CA GLN B 84 2.91 -6.42 0.89
C GLN B 84 2.27 -5.49 1.92
N LEU B 85 1.38 -4.62 1.45
CA LEU B 85 0.72 -3.66 2.32
C LEU B 85 -0.78 -3.70 2.10
N ASN B 86 -1.54 -3.40 3.16
CA ASN B 86 -3.01 -3.41 3.07
C ASN B 86 -3.58 -2.21 3.77
N ALA B 87 -4.87 -2.02 3.63
CA ALA B 87 -5.52 -0.95 4.37
C ALA B 87 -6.90 -1.36 4.85
N GLY B 88 -7.05 -1.38 6.17
CA GLY B 88 -8.32 -1.71 6.75
C GLY B 88 -8.93 -0.60 7.59
N SER B 89 -9.28 -0.92 8.84
CA SER B 89 -9.92 0.05 9.74
C SER B 89 -8.96 1.04 10.41
N LYS B 90 -7.93 0.55 11.14
CA LYS B 90 -6.99 1.47 11.84
C LYS B 90 -6.18 2.28 10.83
N THR B 91 -6.39 1.97 9.56
CA THR B 91 -5.70 2.64 8.48
C THR B 91 -6.61 3.71 7.87
N LYS B 92 -6.15 4.94 7.87
CA LYS B 92 -6.94 6.04 7.29
C LYS B 92 -6.20 6.61 6.09
N ILE B 93 -6.74 6.40 4.89
CA ILE B 93 -6.10 6.91 3.69
C ILE B 93 -6.68 8.27 3.30
N ALA B 94 -5.82 9.15 2.81
CA ALA B 94 -6.24 10.48 2.39
C ALA B 94 -5.18 11.17 1.54
N GLU B 95 -5.63 12.06 0.66
CA GLU B 95 -4.72 12.79 -0.21
C GLU B 95 -3.84 13.74 0.59
N ALA B 96 -2.54 13.74 0.27
CA ALA B 96 -1.58 14.59 0.97
C ALA B 96 -0.83 15.48 -0.02
N SER B 97 -0.64 16.74 0.35
CA SER B 97 0.07 17.69 -0.50
C SER B 97 1.43 18.05 0.10
N GLU B 98 2.48 17.86 -0.68
CA GLU B 98 3.83 18.16 -0.24
C GLU B 98 4.55 19.06 -1.25
N ASP B 99 5.88 18.98 -1.26
CA ASP B 99 6.68 19.78 -2.18
C ASP B 99 6.74 19.13 -3.56
N GLY B 100 5.83 18.19 -3.82
CA GLY B 100 5.78 17.51 -5.10
C GLY B 100 6.37 16.12 -5.04
N PHE B 101 5.56 15.16 -4.63
CA PHE B 101 6.01 13.77 -4.52
C PHE B 101 6.43 13.24 -5.89
N PRO B 102 7.45 12.36 -5.93
CA PRO B 102 7.94 11.78 -7.19
C PRO B 102 6.83 11.20 -8.06
N GLU B 103 6.97 11.34 -9.36
CA GLU B 103 5.97 10.82 -10.30
C GLU B 103 6.06 9.30 -10.40
N SER B 104 4.99 8.69 -10.90
CA SER B 104 4.93 7.25 -11.04
C SER B 104 5.96 6.76 -12.07
N SER B 105 6.30 7.62 -13.01
CA SER B 105 7.27 7.29 -14.04
C SER B 105 8.70 7.46 -13.53
N GLN B 106 8.83 7.98 -12.31
CA GLN B 106 10.14 8.19 -11.71
C GLN B 106 10.23 7.48 -10.37
N ILE B 107 9.24 6.64 -10.07
CA ILE B 107 9.21 5.91 -8.82
C ILE B 107 9.81 4.51 -8.99
N PRO B 108 10.87 4.18 -8.21
CA PRO B 108 11.52 2.87 -8.28
C PRO B 108 10.53 1.72 -8.12
N GLU B 109 10.96 0.52 -8.49
CA GLU B 109 10.12 -0.66 -8.39
C GLU B 109 10.73 -1.70 -7.46
N ASN B 110 11.77 -1.30 -6.73
CA ASN B 110 12.43 -2.20 -5.79
C ASN B 110 11.45 -2.81 -4.81
N THR B 111 11.40 -4.14 -4.76
CA THR B 111 10.51 -4.85 -3.87
C THR B 111 11.17 -5.10 -2.51
N PRO B 112 10.65 -4.46 -1.44
CA PRO B 112 11.22 -4.63 -0.09
C PRO B 112 11.22 -6.08 0.37
N THR B 113 12.30 -6.49 1.02
CA THR B 113 12.44 -7.85 1.51
C THR B 113 13.33 -7.91 2.75
N ALA B 114 12.81 -8.48 3.83
CA ALA B 114 13.56 -8.59 5.07
C ALA B 114 14.77 -9.51 4.90
N ARG B 115 15.70 -9.45 5.84
CA ARG B 115 16.90 -10.28 5.80
C ARG B 115 16.65 -11.63 6.45
N ARG B 116 17.20 -12.68 5.85
CA ARG B 116 17.04 -14.04 6.37
C ARG B 116 18.37 -14.59 6.86
N ARG B 117 18.31 -15.45 7.87
CA ARG B 117 19.51 -16.06 8.43
C ARG B 117 20.02 -17.20 7.56
#